data_2A45
#
_entry.id   2A45
#
_cell.length_a   76.263
_cell.length_b   76.263
_cell.length_c   192.452
_cell.angle_alpha   90.00
_cell.angle_beta   90.00
_cell.angle_gamma   120.00
#
_symmetry.space_group_name_H-M   'P 31'
#
loop_
_entity.id
_entity.type
_entity.pdbx_description
1 polymer 'Thrombin light chain'
2 polymer 'Thrombin heavy chain'
3 polymer 'Fibrinogen alpha chain'
4 polymer 'Fibrinogen beta chain'
5 polymer 'Fibrinogen gamma chain'
6 non-polymer D-phenylalanyl-N-[(2S,3S)-6-{[amino(iminio)methyl]amino}-1-chloro-2-hydroxyhexan-3-yl]-L-prolinamide
7 non-polymer 'PHOSPHATE ION'
#
loop_
_entity_poly.entity_id
_entity_poly.type
_entity_poly.pdbx_seq_one_letter_code
_entity_poly.pdbx_strand_id
1 'polypeptide(L)' TFGSGEADCGLRPLFEKKSLEDKTERELLESYIDGR A,D
2 'polypeptide(L)'
;IVEGSDAEIGMSPWQVMLFRKSPQELLCGASLISDRWVLTAAHCLLYPPWDKNFTENDLLVRIGKHSRTRYERNIEKISM
LEKIYIHPRYNWRENLDRDIALMKLKKPVAFSDYIHPVCLPDRETAASLLQAGYKGRVTGWGNLKETWTANVGKGQPSVL
QVVNLPIVERPVCKDSTRIRITDNMFCAGYKPDEGKRGDACEGDSGGPFVMKSPFNNRWYQMGIVSWGEGCDRDGKYGFY
THVFRLKKWIQKVIDQFGE
;
B,E
3 'polypeptide(L)' GPRVVERHQSACKDSDWPFCSDEDWNYKCPSGCRMKGLIDEVNQDFTNRINKLKNSL G,J
4 'polypeptide(L)'
;GHRPLDKKREEAPSLRPAPPPISGGGYRARPAKAAATQKKVERKAPDAGGCLHADPDLGVLCPTGCQLQEALLQQERPIR
NSVDELNNNVE
;
H,K
5 'polypeptide(L)' YVATRDNCCILDERFGSYCPTTCGIADFLSTYQTKVDKDLQSLED I,L
#
# COMPACT_ATOMS: atom_id res chain seq x y z
N GLY A 5 -24.19 32.40 6.78
CA GLY A 5 -24.64 32.64 8.17
C GLY A 5 -26.15 32.79 8.39
N GLU A 6 -26.50 33.12 9.64
CA GLU A 6 -27.89 33.30 10.11
C GLU A 6 -28.76 34.23 9.25
N ALA A 7 -29.96 34.53 9.73
CA ALA A 7 -30.87 35.37 8.95
C ALA A 7 -31.33 34.47 7.83
N ASP A 8 -30.98 33.20 7.96
CA ASP A 8 -31.34 32.24 6.97
C ASP A 8 -31.21 30.89 7.65
N CYS A 9 -30.74 30.93 8.89
CA CYS A 9 -30.53 29.74 9.74
C CYS A 9 -31.82 28.98 10.11
N GLY A 10 -31.80 28.25 11.21
CA GLY A 10 -32.97 27.50 11.62
C GLY A 10 -34.03 27.02 10.62
N LEU A 11 -33.67 26.74 9.36
CA LEU A 11 -34.69 26.27 8.40
C LEU A 11 -34.24 25.11 7.50
N ARG A 12 -35.00 24.01 7.54
CA ARG A 12 -34.70 22.81 6.76
C ARG A 12 -35.11 22.91 5.32
N PRO A 13 -34.13 22.88 4.41
CA PRO A 13 -34.43 22.99 2.98
C PRO A 13 -35.29 21.82 2.55
N LEU A 14 -35.29 20.77 3.35
CA LEU A 14 -36.09 19.59 3.03
C LEU A 14 -37.39 19.60 3.79
N PHE A 15 -37.73 20.75 4.35
CA PHE A 15 -38.96 20.87 5.08
C PHE A 15 -39.32 22.33 5.04
N GLU A 16 -38.66 23.07 5.91
CA GLU A 16 -38.87 24.51 6.02
C GLU A 16 -38.84 25.26 4.69
N LYS A 17 -37.70 25.21 4.02
CA LYS A 17 -37.52 25.92 2.75
C LYS A 17 -38.43 25.42 1.62
N LYS A 18 -38.92 24.18 1.73
CA LYS A 18 -39.81 23.60 0.70
C LYS A 18 -41.19 23.20 1.24
N SER A 19 -41.56 23.81 2.36
CA SER A 19 -42.85 23.63 3.04
C SER A 19 -43.27 22.22 3.36
N LEU A 20 -43.10 21.86 4.63
CA LEU A 20 -43.50 20.56 5.11
C LEU A 20 -42.90 20.30 6.47
N GLU A 21 -43.50 19.37 7.19
CA GLU A 21 -43.04 19.06 8.53
C GLU A 21 -42.37 17.72 8.65
N ASP A 22 -41.95 17.41 9.86
CA ASP A 22 -41.28 16.16 10.12
C ASP A 22 -42.24 15.18 10.77
N LYS A 23 -41.93 13.90 10.61
CA LYS A 23 -42.71 12.78 11.16
C LYS A 23 -43.46 13.13 12.44
N THR A 24 -42.85 13.96 13.27
CA THR A 24 -43.45 14.39 14.53
C THR A 24 -43.04 15.83 14.81
N GLU A 25 -43.22 16.69 13.83
CA GLU A 25 -42.85 18.08 14.02
C GLU A 25 -43.97 18.76 14.82
N ARG A 26 -45.13 18.10 14.89
CA ARG A 26 -46.27 18.64 15.63
C ARG A 26 -46.12 18.55 17.15
N GLU A 27 -45.65 17.41 17.63
CA GLU A 27 -45.48 17.20 19.06
C GLU A 27 -44.96 18.39 19.84
N LEU A 28 -43.95 19.07 19.34
CA LEU A 28 -43.43 20.22 20.07
C LEU A 28 -44.57 21.20 20.18
N LEU A 29 -45.18 21.53 19.04
CA LEU A 29 -46.29 22.45 19.07
C LEU A 29 -47.25 21.94 20.12
N GLU A 30 -47.60 20.67 19.94
CA GLU A 30 -48.53 19.99 20.83
C GLU A 30 -48.10 20.02 22.27
N SER A 31 -46.83 20.34 22.55
CA SER A 31 -46.39 20.36 23.93
C SER A 31 -46.54 21.75 24.54
N TYR A 32 -46.82 22.73 23.67
CA TYR A 32 -47.00 24.11 24.11
C TYR A 32 -48.34 24.23 24.86
N ILE A 33 -48.26 23.89 26.16
CA ILE A 33 -49.39 23.87 27.07
C ILE A 33 -50.25 22.72 26.56
N ASP A 34 -50.89 22.97 25.42
CA ASP A 34 -51.73 21.99 24.74
C ASP A 34 -51.64 22.07 23.22
N GLY A 35 -52.09 21.00 22.54
CA GLY A 35 -52.07 20.87 21.09
C GLY A 35 -52.35 22.09 20.22
N ARG A 36 -52.29 21.91 18.88
CA ARG A 36 -52.55 23.03 17.94
C ARG A 36 -54.04 23.24 17.62
N ILE B 1 -29.27 7.82 21.23
CA ILE B 1 -30.46 8.13 22.05
C ILE B 1 -31.29 6.91 22.39
N VAL B 2 -31.76 6.89 23.63
CA VAL B 2 -32.55 5.80 24.18
C VAL B 2 -34.04 5.91 23.82
N GLU B 3 -34.68 4.79 23.49
CA GLU B 3 -36.11 4.86 23.14
C GLU B 3 -36.31 5.93 22.08
N GLY B 4 -35.61 5.84 20.95
CA GLY B 4 -35.77 6.86 19.94
C GLY B 4 -36.37 6.32 18.66
N SER B 5 -35.92 6.86 17.55
CA SER B 5 -36.43 6.43 16.28
C SER B 5 -35.48 6.81 15.17
N ASP B 6 -35.33 5.94 14.19
CA ASP B 6 -34.47 6.16 13.05
C ASP B 6 -34.88 7.42 12.36
N ALA B 7 -34.38 8.56 12.82
CA ALA B 7 -34.75 9.83 12.21
C ALA B 7 -34.72 9.89 10.67
N GLU B 8 -35.50 10.79 10.07
CA GLU B 8 -35.53 10.94 8.62
C GLU B 8 -34.44 11.86 8.12
N ILE B 9 -34.37 12.02 6.82
CA ILE B 9 -33.31 12.84 6.27
C ILE B 9 -33.53 14.35 6.40
N GLY B 10 -32.42 15.04 6.59
CA GLY B 10 -32.44 16.48 6.66
C GLY B 10 -32.96 17.22 7.86
N MET B 11 -33.71 16.57 8.74
CA MET B 11 -34.19 17.31 9.89
C MET B 11 -33.01 17.82 10.67
N SER B 12 -31.88 17.17 10.49
CA SER B 12 -30.71 17.59 11.21
C SER B 12 -29.61 17.93 10.22
N PRO B 13 -29.65 19.15 9.68
CA PRO B 13 -28.69 19.69 8.73
C PRO B 13 -27.63 20.50 9.44
N TRP B 14 -27.59 20.35 10.76
CA TRP B 14 -26.63 21.05 11.59
C TRP B 14 -25.99 20.00 12.50
N GLN B 15 -26.51 18.78 12.38
CA GLN B 15 -26.05 17.62 13.14
C GLN B 15 -24.61 17.23 12.82
N VAL B 16 -23.66 17.84 13.52
CA VAL B 16 -22.27 17.53 13.26
C VAL B 16 -21.87 16.23 13.95
N MET B 17 -20.83 15.59 13.42
CA MET B 17 -20.34 14.35 14.00
C MET B 17 -18.85 14.40 14.22
N LEU B 18 -18.50 14.63 15.47
CA LEU B 18 -17.13 14.74 15.93
C LEU B 18 -16.40 13.41 15.88
N PHE B 19 -15.23 13.40 15.27
CA PHE B 19 -14.50 12.15 15.12
C PHE B 19 -13.04 12.26 15.49
N ARG B 20 -12.46 11.11 15.82
CA ARG B 20 -11.04 11.01 16.19
C ARG B 20 -10.17 10.45 15.09
N LYS B 21 -9.18 11.23 14.67
CA LYS B 21 -8.28 10.78 13.63
C LYS B 21 -7.87 9.36 13.97
N SER B 22 -7.11 9.20 15.05
CA SER B 22 -6.62 7.87 15.41
C SER B 22 -6.80 7.57 16.89
N PRO B 23 -7.55 6.48 17.17
CA PRO B 23 -8.16 5.67 16.10
C PRO B 23 -9.44 6.33 15.66
N GLN B 24 -9.86 6.10 14.43
CA GLN B 24 -11.10 6.73 14.03
C GLN B 24 -12.21 6.18 14.93
N GLU B 25 -12.79 7.09 15.70
CA GLU B 25 -13.88 6.77 16.60
C GLU B 25 -14.77 7.98 16.67
N LEU B 26 -16.05 7.75 16.92
CA LEU B 26 -17.00 8.84 17.05
C LEU B 26 -17.02 9.15 18.53
N LEU B 27 -16.62 10.35 18.89
CA LEU B 27 -16.60 10.69 20.29
C LEU B 27 -17.85 11.40 20.78
N CYS B 28 -18.36 12.36 20.02
CA CYS B 28 -19.56 13.07 20.45
C CYS B 28 -20.43 13.54 19.31
N GLY B 29 -21.24 14.54 19.56
CA GLY B 29 -22.09 15.07 18.52
C GLY B 29 -21.71 16.52 18.62
N ALA B 30 -21.96 17.30 17.59
CA ALA B 30 -21.63 18.69 17.67
C ALA B 30 -22.78 19.46 17.11
N SER B 31 -22.69 20.78 17.18
CA SER B 31 -23.78 21.60 16.66
C SER B 31 -23.36 22.67 15.65
N LEU B 32 -23.94 22.53 14.45
CA LEU B 32 -23.69 23.42 13.32
C LEU B 32 -24.51 24.69 13.43
N ILE B 33 -23.81 25.81 13.50
CA ILE B 33 -24.46 27.10 13.63
C ILE B 33 -23.80 28.11 12.70
N SER B 34 -22.93 27.61 11.84
CA SER B 34 -22.20 28.46 10.92
C SER B 34 -21.14 27.65 10.15
N ASP B 35 -20.89 28.07 8.92
CA ASP B 35 -19.92 27.42 8.02
C ASP B 35 -18.52 27.35 8.59
N ARG B 36 -18.32 27.95 9.77
CA ARG B 36 -17.01 27.95 10.42
C ARG B 36 -17.05 27.75 11.94
N TRP B 37 -18.25 27.72 12.53
CA TRP B 37 -18.35 27.48 13.98
C TRP B 37 -19.33 26.37 14.33
N VAL B 38 -18.97 25.61 15.36
CA VAL B 38 -19.79 24.51 15.81
C VAL B 38 -19.79 24.47 17.29
N LEU B 39 -20.98 24.27 17.84
CA LEU B 39 -21.13 24.24 19.26
C LEU B 39 -21.14 22.79 19.74
N THR B 40 -20.71 22.60 20.98
CA THR B 40 -20.73 21.28 21.57
C THR B 40 -20.24 21.20 23.00
N ALA B 41 -20.51 20.03 23.60
CA ALA B 41 -20.13 19.71 24.96
C ALA B 41 -18.62 19.86 25.16
N ALA B 42 -18.22 20.79 26.01
CA ALA B 42 -16.82 21.03 26.30
C ALA B 42 -16.16 19.77 26.86
N HIS B 43 -16.90 19.02 27.65
CA HIS B 43 -16.35 17.82 28.24
C HIS B 43 -15.91 16.84 27.17
N CYS B 44 -16.64 16.79 26.07
CA CYS B 44 -16.27 15.89 24.99
C CYS B 44 -14.84 16.09 24.52
N LEU B 45 -14.31 17.29 24.69
CA LEU B 45 -12.96 17.58 24.25
C LEU B 45 -11.94 17.38 25.35
N LEU B 46 -12.32 17.81 26.54
CA LEU B 46 -11.44 17.75 27.67
C LEU B 46 -12.05 17.19 28.91
N TYR B 47 -11.59 16.01 29.32
CA TYR B 47 -12.09 15.48 30.54
C TYR B 47 -10.99 14.70 31.20
N PRO B 48 -10.25 15.37 32.10
CA PRO B 48 -9.15 14.78 32.85
C PRO B 48 -9.56 13.57 33.65
N PRO B 49 -10.75 13.62 34.31
CA PRO B 49 -11.19 12.47 35.08
C PRO B 49 -11.01 11.27 34.19
N TRP B 50 -11.64 11.33 33.03
CA TRP B 50 -11.46 10.25 32.10
C TRP B 50 -10.30 10.66 31.17
N ASP B 51 -9.38 11.47 31.72
CA ASP B 51 -8.20 12.02 31.01
C ASP B 51 -8.53 12.33 29.56
N LYS B 52 -8.79 13.60 29.30
CA LYS B 52 -9.14 13.96 27.97
C LYS B 52 -8.75 15.40 27.66
N ASN B 53 -7.77 15.57 26.80
CA ASN B 53 -7.39 16.91 26.40
C ASN B 53 -7.13 16.84 24.91
N PHE B 54 -8.20 16.67 24.16
CA PHE B 54 -8.11 16.60 22.73
C PHE B 54 -7.93 17.96 22.09
N THR B 55 -7.42 17.96 20.86
CA THR B 55 -7.21 19.20 20.14
C THR B 55 -7.56 19.03 18.69
N GLU B 56 -7.74 20.16 18.01
CA GLU B 56 -8.10 20.13 16.62
C GLU B 56 -7.29 19.10 15.85
N ASN B 57 -5.97 19.17 15.94
CA ASN B 57 -5.11 18.25 15.20
C ASN B 57 -5.47 16.84 15.48
N ASP B 58 -6.14 16.64 16.59
CA ASP B 58 -6.51 15.31 16.99
C ASP B 58 -7.83 14.84 16.46
N LEU B 59 -8.76 15.77 16.30
CA LEU B 59 -10.08 15.39 15.81
C LEU B 59 -10.69 16.34 14.81
N LEU B 60 -11.67 15.81 14.07
CA LEU B 60 -12.39 16.56 13.05
C LEU B 60 -13.85 16.22 13.09
N VAL B 61 -14.66 17.04 12.43
CA VAL B 61 -16.09 16.81 12.40
C VAL B 61 -16.66 16.36 11.07
N ARG B 62 -17.51 15.34 11.16
CA ARG B 62 -18.18 14.76 10.02
C ARG B 62 -19.54 15.41 9.94
N ILE B 63 -19.69 16.33 8.99
CA ILE B 63 -20.95 17.06 8.83
C ILE B 63 -21.96 16.43 7.91
N GLY B 64 -23.21 16.45 8.35
CA GLY B 64 -24.31 15.92 7.56
C GLY B 64 -24.40 14.42 7.40
N LYS B 65 -24.01 13.68 8.43
CA LYS B 65 -24.06 12.22 8.36
C LYS B 65 -25.44 11.71 8.71
N HIS B 66 -25.72 10.49 8.29
CA HIS B 66 -27.00 9.90 8.58
C HIS B 66 -26.60 8.62 9.24
N SER B 67 -25.90 7.80 8.47
CA SER B 67 -25.42 6.57 8.99
C SER B 67 -24.28 7.04 9.85
N ARG B 68 -24.19 6.46 11.03
CA ARG B 68 -23.15 6.79 11.97
C ARG B 68 -21.87 6.13 11.47
N THR B 69 -21.99 5.22 10.52
CA THR B 69 -20.81 4.54 10.03
C THR B 69 -20.45 4.68 8.56
N ARG B 70 -21.10 3.88 7.72
CA ARG B 70 -20.80 3.93 6.31
C ARG B 70 -20.72 5.35 5.77
N TYR B 71 -19.69 5.59 4.98
CA TYR B 71 -19.47 6.88 4.37
C TYR B 71 -20.73 7.29 3.61
N GLU B 72 -20.80 8.56 3.27
CA GLU B 72 -21.94 9.08 2.54
C GLU B 72 -21.42 9.89 1.34
N ARG B 73 -20.88 9.10 0.41
CA ARG B 73 -20.28 9.45 -0.86
C ARG B 73 -21.00 10.63 -1.52
N ASN B 74 -20.18 11.66 -1.82
CA ASN B 74 -20.56 12.92 -2.49
C ASN B 74 -21.43 13.84 -1.65
N ILE B 75 -21.86 13.32 -0.50
CA ILE B 75 -22.71 14.05 0.43
C ILE B 75 -22.06 14.47 1.74
N GLU B 76 -21.54 13.50 2.49
CA GLU B 76 -20.93 13.86 3.76
C GLU B 76 -19.66 14.69 3.65
N LYS B 77 -19.69 15.85 4.27
CA LYS B 77 -18.54 16.74 4.24
C LYS B 77 -17.78 16.62 5.52
N ILE B 78 -16.49 16.40 5.37
CA ILE B 78 -15.56 16.24 6.46
C ILE B 78 -14.52 17.35 6.37
N SER B 79 -14.42 18.16 7.43
CA SER B 79 -13.46 19.23 7.38
C SER B 79 -12.57 19.25 8.61
N MET B 80 -11.30 19.50 8.37
CA MET B 80 -10.39 19.58 9.48
C MET B 80 -10.78 20.89 10.09
N LEU B 81 -10.28 21.09 11.30
CA LEU B 81 -10.62 22.27 12.05
C LEU B 81 -9.48 23.29 12.12
N GLU B 82 -9.74 24.43 12.74
CA GLU B 82 -8.74 25.46 12.89
C GLU B 82 -8.31 25.73 14.31
N LYS B 83 -8.98 26.65 15.02
CA LYS B 83 -8.66 27.02 16.43
C LYS B 83 -9.76 26.63 17.45
N ILE B 84 -9.46 25.71 18.36
CA ILE B 84 -10.45 25.30 19.35
C ILE B 84 -10.55 26.23 20.51
N TYR B 85 -11.75 26.75 20.71
CA TYR B 85 -11.97 27.66 21.80
C TYR B 85 -12.92 27.10 22.83
N ILE B 86 -12.47 27.07 24.06
CA ILE B 86 -13.31 26.57 25.11
C ILE B 86 -13.42 27.68 26.15
N HIS B 87 -14.61 27.81 26.76
CA HIS B 87 -14.85 28.83 27.79
C HIS B 87 -14.02 28.49 29.03
N PRO B 88 -13.09 29.38 29.40
CA PRO B 88 -12.20 29.20 30.56
C PRO B 88 -12.93 28.78 31.85
N ARG B 89 -14.10 29.38 32.11
CA ARG B 89 -14.90 29.08 33.31
C ARG B 89 -15.56 27.70 33.28
N TYR B 90 -15.27 26.90 32.25
CA TYR B 90 -15.83 25.55 32.17
C TYR B 90 -15.19 24.69 33.29
N ASN B 91 -16.03 24.28 34.25
CA ASN B 91 -15.63 23.49 35.42
C ASN B 91 -16.00 22.04 35.38
N TRP B 92 -15.04 21.22 35.05
CA TRP B 92 -15.29 19.81 34.99
C TRP B 92 -15.16 19.22 36.38
N ARG B 93 -14.22 19.78 37.13
CA ARG B 93 -13.95 19.32 38.49
C ARG B 93 -15.22 19.03 39.25
N GLU B 94 -15.96 20.08 39.56
CA GLU B 94 -17.19 19.93 40.32
C GLU B 94 -18.36 19.24 39.66
N ASN B 95 -18.71 19.66 38.44
CA ASN B 95 -19.87 19.10 37.76
C ASN B 95 -20.11 19.55 36.32
N LEU B 96 -19.11 20.04 35.61
CA LEU B 96 -19.35 20.48 34.23
C LEU B 96 -20.16 21.75 34.16
N ASP B 97 -19.85 22.68 35.03
CA ASP B 97 -20.58 23.93 35.02
C ASP B 97 -20.07 24.70 33.81
N ARG B 98 -20.97 25.04 32.90
CA ARG B 98 -20.60 25.77 31.69
C ARG B 98 -19.94 24.81 30.71
N ASP B 99 -20.35 23.55 30.79
CA ASP B 99 -19.83 22.49 29.94
C ASP B 99 -20.26 22.79 28.53
N ILE B 100 -19.36 23.41 27.80
CA ILE B 100 -19.70 23.76 26.46
C ILE B 100 -18.44 24.29 25.82
N ALA B 101 -18.22 23.85 24.61
CA ALA B 101 -17.06 24.27 23.88
C ALA B 101 -17.41 24.57 22.44
N LEU B 102 -16.76 25.61 21.94
CA LEU B 102 -16.94 26.06 20.57
C LEU B 102 -15.70 25.86 19.73
N MET B 103 -15.87 25.89 18.41
CA MET B 103 -14.74 25.70 17.51
C MET B 103 -14.85 26.47 16.20
N LYS B 104 -13.73 26.75 15.55
CA LYS B 104 -13.73 27.46 14.27
C LYS B 104 -13.28 26.49 13.17
N LEU B 105 -13.62 26.78 11.90
CA LEU B 105 -13.26 25.88 10.79
C LEU B 105 -12.00 26.22 10.02
N LYS B 106 -11.03 25.29 9.99
CA LYS B 106 -9.77 25.50 9.28
C LYS B 106 -10.07 25.99 7.89
N LYS B 107 -11.23 25.57 7.40
CA LYS B 107 -11.70 25.98 6.11
C LYS B 107 -13.21 25.83 6.17
N PRO B 108 -13.92 26.89 5.78
CA PRO B 108 -15.38 26.98 5.76
C PRO B 108 -16.09 25.75 5.22
N VAL B 109 -17.41 25.76 5.40
CA VAL B 109 -18.26 24.67 4.97
C VAL B 109 -19.48 25.21 4.25
N ALA B 110 -19.81 24.59 3.14
CA ALA B 110 -20.95 25.05 2.36
C ALA B 110 -22.23 24.33 2.74
N PHE B 111 -23.22 25.12 3.13
CA PHE B 111 -24.52 24.63 3.52
C PHE B 111 -25.31 24.32 2.25
N SER B 112 -25.90 23.14 2.18
CA SER B 112 -26.70 22.74 1.03
C SER B 112 -27.98 22.14 1.55
N ASP B 113 -28.50 21.16 0.80
CA ASP B 113 -29.72 20.43 1.16
C ASP B 113 -29.57 19.80 2.53
N TYR B 114 -28.49 19.05 2.72
CA TYR B 114 -28.27 18.39 4.01
C TYR B 114 -27.41 19.26 4.89
N ILE B 115 -26.85 20.29 4.28
CA ILE B 115 -25.96 21.18 5.00
C ILE B 115 -26.59 22.49 5.40
N HIS B 116 -26.79 22.68 6.71
CA HIS B 116 -27.36 23.91 7.23
C HIS B 116 -27.50 24.00 8.75
N PRO B 117 -27.06 25.13 9.33
CA PRO B 117 -27.07 25.43 10.76
C PRO B 117 -28.35 25.95 11.39
N VAL B 118 -28.42 25.75 12.69
CA VAL B 118 -29.53 26.14 13.52
C VAL B 118 -29.46 27.63 13.85
N CYS B 119 -30.62 28.26 13.99
CA CYS B 119 -30.65 29.66 14.33
C CYS B 119 -30.32 29.81 15.81
N LEU B 120 -29.84 31.00 16.12
CA LEU B 120 -29.44 31.34 17.48
C LEU B 120 -30.50 32.07 18.28
N PRO B 121 -30.91 31.47 19.39
CA PRO B 121 -31.93 31.98 20.32
C PRO B 121 -31.72 33.45 20.69
N ASP B 122 -32.81 34.21 20.72
CA ASP B 122 -32.76 35.64 21.08
C ASP B 122 -33.32 35.77 22.48
N ARG B 123 -33.20 36.97 23.07
CA ARG B 123 -33.72 37.19 24.42
C ARG B 123 -35.17 36.72 24.52
N GLU B 124 -36.02 37.22 23.62
CA GLU B 124 -37.44 36.87 23.60
C GLU B 124 -37.57 35.37 23.68
N THR B 125 -37.57 34.74 22.50
CA THR B 125 -37.67 33.31 22.39
C THR B 125 -36.99 32.63 23.57
N ALA B 126 -35.91 33.24 24.06
CA ALA B 126 -35.12 32.68 25.17
C ALA B 126 -35.95 32.06 26.29
N ALA B 127 -35.96 32.71 27.44
CA ALA B 127 -36.74 32.17 28.53
C ALA B 127 -38.15 31.95 27.98
N SER B 128 -38.53 32.73 26.97
CA SER B 128 -39.85 32.61 26.35
C SER B 128 -40.24 31.13 26.11
N LEU B 129 -39.40 30.39 25.40
CA LEU B 129 -39.70 28.99 25.09
C LEU B 129 -39.38 27.95 26.18
N LEU B 130 -38.37 28.28 26.98
CA LEU B 130 -37.90 27.41 28.07
C LEU B 130 -38.97 27.22 29.14
N GLN B 131 -39.61 26.06 29.23
CA GLN B 131 -40.61 25.90 30.29
C GLN B 131 -40.95 24.45 30.57
N ALA B 132 -41.29 24.17 31.82
CA ALA B 132 -41.63 22.81 32.21
C ALA B 132 -42.54 22.17 31.17
N GLY B 133 -42.55 20.84 31.16
CA GLY B 133 -43.38 20.10 30.25
C GLY B 133 -43.20 20.40 28.77
N TYR B 134 -42.66 21.57 28.43
CA TYR B 134 -42.48 21.87 27.01
C TYR B 134 -41.48 20.90 26.43
N LYS B 135 -41.92 20.11 25.45
CA LYS B 135 -41.04 19.15 24.84
C LYS B 135 -40.00 19.77 23.93
N GLY B 136 -38.91 19.04 23.69
CA GLY B 136 -37.85 19.52 22.84
C GLY B 136 -37.15 18.32 22.26
N ARG B 137 -36.68 18.44 21.03
CA ARG B 137 -35.97 17.35 20.38
C ARG B 137 -34.50 17.66 20.41
N VAL B 138 -33.71 16.60 20.30
CA VAL B 138 -32.27 16.73 20.29
C VAL B 138 -31.87 15.67 19.32
N THR B 139 -30.58 15.50 19.12
CA THR B 139 -30.12 14.54 18.15
C THR B 139 -28.67 14.13 18.33
N GLY B 140 -28.39 12.84 18.16
CA GLY B 140 -27.02 12.36 18.31
C GLY B 140 -26.93 10.87 18.03
N TRP B 141 -25.88 10.43 17.34
CA TRP B 141 -25.76 9.00 17.05
C TRP B 141 -25.23 8.35 18.32
N GLY B 142 -25.24 9.09 19.41
CA GLY B 142 -24.74 8.52 20.64
C GLY B 142 -25.31 7.15 20.96
N ASN B 143 -25.14 6.73 22.20
CA ASN B 143 -25.61 5.44 22.67
C ASN B 143 -27.11 5.18 22.73
N LEU B 144 -27.41 4.19 23.57
CA LEU B 144 -28.76 3.73 23.84
C LEU B 144 -28.77 2.49 24.76
N LYS B 145 -28.35 2.66 26.01
CA LYS B 145 -28.32 1.57 26.99
C LYS B 145 -27.20 1.82 27.98
N GLU B 146 -27.18 1.05 29.04
CA GLU B 146 -26.16 1.27 30.02
C GLU B 146 -24.90 0.50 29.71
N THR B 147 -24.16 1.07 28.77
CA THR B 147 -22.86 0.57 28.28
C THR B 147 -22.17 -0.65 28.93
N TRP B 148 -21.39 -0.39 29.99
CA TRP B 148 -20.58 -1.41 30.70
C TRP B 148 -21.23 -2.45 31.63
N THR B 149 -22.56 -2.50 31.67
CA THR B 149 -23.25 -3.43 32.55
C THR B 149 -24.28 -4.26 31.77
N ALA B 150 -25.13 -4.91 32.56
CA ALA B 150 -26.22 -5.72 32.05
C ALA B 150 -26.94 -4.86 31.02
N ASN B 151 -26.82 -5.24 29.74
CA ASN B 151 -27.46 -4.54 28.62
C ASN B 151 -27.27 -5.28 27.29
N VAL B 152 -28.39 -5.63 26.66
CA VAL B 152 -28.42 -6.35 25.39
C VAL B 152 -29.41 -5.63 24.52
N GLY B 153 -29.83 -6.31 23.46
CA GLY B 153 -30.77 -5.71 22.52
C GLY B 153 -29.99 -4.98 21.44
N LYS B 154 -30.00 -3.64 21.52
CA LYS B 154 -29.31 -2.75 20.58
C LYS B 154 -28.41 -1.77 21.38
N GLY B 155 -27.18 -1.52 20.91
CA GLY B 155 -26.27 -0.61 21.60
C GLY B 155 -25.89 0.69 20.90
N GLN B 156 -25.40 0.55 19.67
CA GLN B 156 -25.00 1.70 18.83
C GLN B 156 -25.94 1.85 17.62
N PRO B 157 -26.49 3.05 17.39
CA PRO B 157 -27.39 3.29 16.25
C PRO B 157 -26.72 3.11 14.89
N SER B 158 -27.51 3.08 13.82
CA SER B 158 -27.00 2.92 12.46
C SER B 158 -27.14 4.25 11.71
N VAL B 159 -28.08 5.07 12.19
CA VAL B 159 -28.36 6.36 11.61
C VAL B 159 -28.84 7.29 12.72
N LEU B 160 -28.50 8.57 12.64
CA LEU B 160 -28.89 9.54 13.66
C LEU B 160 -30.25 9.17 14.25
N GLN B 161 -30.39 9.23 15.58
CA GLN B 161 -31.68 8.86 16.18
C GLN B 161 -32.50 10.03 16.71
N VAL B 162 -33.81 9.88 16.62
CA VAL B 162 -34.81 10.86 17.05
C VAL B 162 -35.10 10.84 18.52
N VAL B 163 -35.32 12.03 19.07
CA VAL B 163 -35.60 12.17 20.48
C VAL B 163 -36.24 13.53 20.76
N ASN B 164 -37.41 13.48 21.39
CA ASN B 164 -38.15 14.68 21.72
C ASN B 164 -38.58 14.45 23.13
N LEU B 165 -38.48 15.47 23.96
CA LEU B 165 -38.91 15.31 25.34
C LEU B 165 -39.18 16.66 25.99
N PRO B 166 -40.05 16.69 27.01
CA PRO B 166 -40.47 17.89 27.74
C PRO B 166 -39.41 18.57 28.60
N ILE B 167 -39.55 19.88 28.77
CA ILE B 167 -38.63 20.64 29.59
C ILE B 167 -39.13 20.51 31.03
N VAL B 168 -38.24 20.27 31.98
CA VAL B 168 -38.66 20.09 33.38
C VAL B 168 -38.26 21.18 34.35
N GLU B 169 -39.21 21.49 35.23
CA GLU B 169 -38.99 22.50 36.23
C GLU B 169 -37.83 22.07 37.12
N ARG B 170 -37.02 23.07 37.44
CA ARG B 170 -35.85 22.94 38.25
C ARG B 170 -36.00 21.94 39.41
N PRO B 171 -36.98 22.16 40.30
CA PRO B 171 -37.18 21.27 41.46
C PRO B 171 -36.95 19.82 41.11
N VAL B 172 -37.78 19.29 40.24
CA VAL B 172 -37.66 17.89 39.84
C VAL B 172 -36.20 17.60 39.60
N CYS B 173 -35.61 18.39 38.70
CA CYS B 173 -34.20 18.25 38.34
C CYS B 173 -33.32 18.08 39.58
N LYS B 174 -33.34 19.14 40.40
CA LYS B 174 -32.56 19.29 41.63
C LYS B 174 -32.70 18.15 42.64
N ASP B 175 -33.94 17.74 42.86
CA ASP B 175 -34.25 16.65 43.79
C ASP B 175 -33.69 15.31 43.29
N SER B 176 -33.98 14.97 42.04
CA SER B 176 -33.48 13.73 41.51
C SER B 176 -31.94 13.75 41.49
N THR B 177 -31.38 14.86 41.05
CA THR B 177 -29.93 15.04 40.93
C THR B 177 -29.22 15.05 42.28
N ARG B 178 -28.01 14.51 42.32
CA ARG B 178 -27.24 14.50 43.54
C ARG B 178 -26.10 15.47 43.26
N ILE B 179 -26.16 16.06 42.07
CA ILE B 179 -25.15 17.01 41.61
C ILE B 179 -25.58 18.46 41.71
N ARG B 180 -24.60 19.32 42.00
CA ARG B 180 -24.84 20.75 42.15
C ARG B 180 -25.50 21.29 40.90
N ILE B 181 -26.80 21.52 40.96
CA ILE B 181 -27.51 22.06 39.81
C ILE B 181 -27.03 23.49 39.51
N THR B 182 -27.37 23.97 38.33
CA THR B 182 -26.97 25.29 37.88
C THR B 182 -28.11 25.89 37.10
N ASP B 183 -28.04 27.19 36.89
CA ASP B 183 -29.06 27.89 36.12
C ASP B 183 -28.73 27.69 34.66
N ASN B 184 -27.47 27.30 34.45
CA ASN B 184 -26.87 27.00 33.15
C ASN B 184 -27.21 25.55 32.78
N MET B 185 -27.30 24.70 33.79
CA MET B 185 -27.60 23.28 33.60
C MET B 185 -29.12 23.13 33.55
N PHE B 186 -29.61 21.97 33.09
CA PHE B 186 -31.06 21.72 33.09
C PHE B 186 -31.45 20.37 32.53
N CYS B 187 -32.31 19.71 33.28
CA CYS B 187 -32.77 18.39 32.92
C CYS B 187 -33.91 18.37 31.91
N ALA B 188 -34.50 17.19 31.77
CA ALA B 188 -35.61 16.98 30.83
C ALA B 188 -35.81 15.47 30.55
N GLY B 189 -37.06 15.01 30.76
CA GLY B 189 -37.41 13.62 30.53
C GLY B 189 -38.89 13.37 30.63
N TYR B 190 -39.23 12.12 30.87
CA TYR B 190 -40.62 11.68 30.99
C TYR B 190 -40.83 11.17 32.41
N LYS B 191 -41.59 11.91 33.22
CA LYS B 191 -41.83 11.46 34.59
C LYS B 191 -42.37 10.03 34.52
N PRO B 192 -42.30 9.29 35.65
CA PRO B 192 -42.75 7.88 35.80
C PRO B 192 -44.19 7.53 35.40
N ASP B 193 -45.10 8.49 35.52
CA ASP B 193 -46.51 8.25 35.24
C ASP B 193 -47.06 8.75 33.88
N GLU B 194 -46.22 8.88 32.85
CA GLU B 194 -46.76 9.35 31.58
C GLU B 194 -46.63 8.32 30.48
N GLY B 195 -45.58 7.51 30.55
CA GLY B 195 -45.43 6.46 29.56
C GLY B 195 -44.72 6.68 28.24
N LYS B 196 -43.46 7.06 28.30
CA LYS B 196 -42.66 7.29 27.11
C LYS B 196 -41.21 7.42 27.55
N ARG B 197 -40.52 6.28 27.51
CA ARG B 197 -39.12 6.22 27.89
C ARG B 197 -38.25 7.02 26.92
N GLY B 198 -36.94 6.81 26.95
CA GLY B 198 -36.09 7.58 26.07
C GLY B 198 -35.37 8.66 26.84
N ASP B 199 -34.15 8.97 26.41
CA ASP B 199 -33.35 10.00 27.07
C ASP B 199 -31.98 10.10 26.38
N ALA B 200 -31.26 11.19 26.65
CA ALA B 200 -29.93 11.35 26.10
C ALA B 200 -29.09 10.22 26.69
N CYS B 201 -28.07 9.79 25.96
CA CYS B 201 -27.23 8.68 26.44
C CYS B 201 -25.76 8.84 26.12
N GLU B 202 -24.99 7.93 26.68
CA GLU B 202 -23.57 7.90 26.51
C GLU B 202 -23.17 8.27 25.08
N GLY B 203 -22.39 9.34 24.98
CA GLY B 203 -21.88 9.83 23.72
C GLY B 203 -22.77 10.81 22.98
N ASP B 204 -24.03 10.84 23.37
CA ASP B 204 -24.95 11.73 22.68
C ASP B 204 -24.68 13.20 23.02
N SER B 205 -23.58 13.46 23.74
CA SER B 205 -23.20 14.83 24.13
C SER B 205 -22.81 15.65 22.91
N GLY B 206 -22.65 16.95 23.13
CA GLY B 206 -22.31 17.86 22.06
C GLY B 206 -23.50 18.00 21.14
N GLY B 207 -24.50 17.15 21.34
CA GLY B 207 -25.70 17.19 20.52
C GLY B 207 -26.48 18.48 20.65
N PRO B 208 -27.61 18.63 19.95
CA PRO B 208 -28.46 19.81 19.96
C PRO B 208 -29.81 19.59 20.60
N PHE B 209 -30.10 20.35 21.64
CA PHE B 209 -31.40 20.22 22.25
C PHE B 209 -32.23 21.19 21.47
N VAL B 210 -32.67 20.67 20.36
CA VAL B 210 -33.47 21.36 19.39
C VAL B 210 -34.84 21.76 19.90
N MET B 211 -35.33 22.84 19.32
CA MET B 211 -36.65 23.38 19.60
C MET B 211 -37.01 24.39 18.55
N LYS B 212 -38.16 24.15 17.94
CA LYS B 212 -38.65 25.00 16.88
C LYS B 212 -39.40 26.25 17.37
N SER B 213 -39.09 27.41 16.77
CA SER B 213 -39.74 28.68 17.13
C SER B 213 -41.12 28.74 16.55
N PRO B 214 -42.13 28.84 17.41
CA PRO B 214 -43.51 28.91 16.91
C PRO B 214 -43.61 30.17 16.07
N PHE B 215 -42.88 31.19 16.54
CA PHE B 215 -42.81 32.51 15.92
C PHE B 215 -42.66 32.47 14.40
N ASN B 216 -41.47 32.09 13.95
CA ASN B 216 -41.18 32.03 12.52
C ASN B 216 -40.84 30.60 12.12
N ASN B 217 -41.43 29.65 12.82
CA ASN B 217 -41.21 28.24 12.61
C ASN B 217 -39.72 27.89 12.44
N ARG B 218 -38.83 28.76 12.86
CA ARG B 218 -37.44 28.41 12.71
C ARG B 218 -37.04 27.48 13.85
N TRP B 219 -35.85 26.92 13.74
CA TRP B 219 -35.33 26.00 14.75
C TRP B 219 -34.23 26.61 15.62
N TYR B 220 -34.32 26.28 16.91
CA TYR B 220 -33.39 26.79 17.91
C TYR B 220 -32.92 25.69 18.85
N GLN B 221 -31.63 25.44 18.89
CA GLN B 221 -31.14 24.46 19.81
C GLN B 221 -30.89 25.32 21.01
N MET B 222 -31.32 24.87 22.17
CA MET B 222 -31.09 25.71 23.31
C MET B 222 -30.23 25.07 24.39
N GLY B 223 -29.97 23.78 24.25
CA GLY B 223 -29.16 23.06 25.23
C GLY B 223 -28.25 21.98 24.66
N ILE B 224 -27.04 21.87 25.19
CA ILE B 224 -26.09 20.86 24.72
C ILE B 224 -26.03 19.69 25.64
N VAL B 225 -26.50 18.56 25.16
CA VAL B 225 -26.47 17.37 25.97
C VAL B 225 -25.16 17.30 26.73
N SER B 226 -25.19 17.80 27.95
CA SER B 226 -24.03 17.82 28.81
C SER B 226 -23.80 16.47 29.47
N TRP B 227 -24.77 16.03 30.26
CA TRP B 227 -24.60 14.78 30.95
C TRP B 227 -25.87 14.19 31.50
N GLY B 228 -25.66 13.12 32.27
CA GLY B 228 -26.77 12.43 32.88
C GLY B 228 -26.36 11.17 33.61
N GLU B 229 -26.92 11.03 34.81
CA GLU B 229 -26.70 9.89 35.67
C GLU B 229 -27.34 8.67 35.02
N GLY B 230 -26.53 7.84 34.36
CA GLY B 230 -27.03 6.64 33.69
C GLY B 230 -27.72 7.05 32.40
N CYS B 231 -28.23 6.09 31.63
CA CYS B 231 -28.93 6.40 30.38
C CYS B 231 -30.42 6.03 30.55
N ASP B 232 -31.32 7.01 30.43
CA ASP B 232 -32.78 6.78 30.53
C ASP B 232 -33.26 5.98 31.74
N ARG B 233 -33.43 6.68 32.87
CA ARG B 233 -33.86 6.01 34.09
C ARG B 233 -34.94 6.79 34.86
N ASP B 234 -35.83 6.02 35.46
CA ASP B 234 -36.93 6.54 36.23
C ASP B 234 -36.51 7.42 37.36
N GLY B 235 -36.68 8.71 37.14
CA GLY B 235 -36.29 9.65 38.15
C GLY B 235 -35.06 10.36 37.63
N LYS B 236 -34.38 9.77 36.66
CA LYS B 236 -33.20 10.43 36.11
C LYS B 236 -33.47 11.07 34.76
N TYR B 237 -32.87 12.23 34.56
CA TYR B 237 -33.02 12.98 33.32
C TYR B 237 -31.69 13.57 32.86
N GLY B 238 -31.44 13.56 31.56
CA GLY B 238 -30.20 14.11 31.04
C GLY B 238 -30.20 15.59 31.31
N PHE B 239 -29.03 16.20 31.38
CA PHE B 239 -28.98 17.62 31.61
C PHE B 239 -28.41 18.23 30.39
N TYR B 240 -28.81 19.46 30.11
CA TYR B 240 -28.31 20.13 28.93
C TYR B 240 -27.99 21.57 29.21
N THR B 241 -26.84 22.00 28.72
CA THR B 241 -26.40 23.37 28.92
C THR B 241 -27.46 24.35 28.42
N HIS B 242 -27.39 25.58 28.93
CA HIS B 242 -28.33 26.67 28.60
C HIS B 242 -27.73 27.69 27.64
N VAL B 243 -27.82 27.36 26.36
CA VAL B 243 -27.32 28.21 25.30
C VAL B 243 -27.32 29.72 25.60
N PHE B 244 -28.48 30.34 25.48
CA PHE B 244 -28.58 31.79 25.69
C PHE B 244 -27.87 32.32 26.93
N ARG B 245 -28.24 31.81 28.10
CA ARG B 245 -27.61 32.30 29.30
C ARG B 245 -26.12 32.32 29.10
N LEU B 246 -25.61 31.33 28.39
CA LEU B 246 -24.19 31.32 28.19
C LEU B 246 -23.85 31.74 26.78
N LYS B 247 -24.87 32.24 26.08
CA LYS B 247 -24.66 32.67 24.72
C LYS B 247 -23.67 33.82 24.65
N LYS B 248 -23.69 34.70 25.66
CA LYS B 248 -22.78 35.83 25.66
C LYS B 248 -21.36 35.42 25.28
N TRP B 249 -20.77 34.56 26.10
CA TRP B 249 -19.43 34.10 25.84
C TRP B 249 -19.31 33.80 24.38
N ILE B 250 -20.26 33.03 23.87
CA ILE B 250 -20.28 32.65 22.47
C ILE B 250 -19.86 33.78 21.53
N GLN B 251 -20.62 34.87 21.51
CA GLN B 251 -20.30 36.00 20.64
C GLN B 251 -18.85 36.37 20.88
N LYS B 252 -18.52 36.57 22.15
CA LYS B 252 -17.19 36.92 22.57
C LYS B 252 -16.14 36.16 21.77
N VAL B 253 -16.37 34.86 21.61
CA VAL B 253 -15.43 34.00 20.90
C VAL B 253 -15.37 34.22 19.38
N ILE B 254 -16.53 34.29 18.75
CA ILE B 254 -16.62 34.51 17.31
C ILE B 254 -16.26 35.95 17.00
N ASP B 255 -16.84 36.88 17.76
CA ASP B 255 -16.57 38.29 17.53
C ASP B 255 -15.09 38.55 17.37
N GLN B 256 -14.27 37.82 18.10
CA GLN B 256 -12.81 38.01 18.05
C GLN B 256 -12.08 37.39 16.89
N PHE B 257 -12.23 36.08 16.73
CA PHE B 257 -11.51 35.36 15.71
C PHE B 257 -12.38 34.87 14.54
N GLY B 258 -13.66 35.23 14.52
CA GLY B 258 -14.55 34.80 13.46
C GLY B 258 -14.29 35.29 12.04
N GLY C 5 25.72 -13.24 -30.19
CA GLY C 5 26.46 -14.09 -31.19
C GLY C 5 27.88 -14.50 -30.81
N GLU C 6 28.18 -15.76 -31.07
CA GLU C 6 29.48 -16.36 -30.79
C GLU C 6 30.62 -15.63 -31.47
N ALA C 7 31.74 -16.31 -31.63
CA ALA C 7 32.93 -15.70 -32.24
C ALA C 7 33.19 -14.36 -31.54
N ASP C 8 32.62 -14.24 -30.35
CA ASP C 8 32.74 -13.06 -29.49
C ASP C 8 32.44 -13.48 -28.05
N CYS C 9 31.99 -14.72 -27.92
CA CYS C 9 31.62 -15.35 -26.65
C CYS C 9 32.85 -15.49 -25.73
N GLY C 10 32.76 -16.35 -24.71
CA GLY C 10 33.86 -16.57 -23.76
C GLY C 10 34.96 -15.52 -23.57
N LEU C 11 34.58 -14.23 -23.59
CA LEU C 11 35.52 -13.10 -23.44
C LEU C 11 35.14 -12.08 -22.37
N ARG C 12 35.70 -12.21 -21.19
CA ARG C 12 35.38 -11.28 -20.10
C ARG C 12 35.87 -9.85 -20.32
N PRO C 13 34.93 -8.90 -20.49
CA PRO C 13 35.19 -7.47 -20.72
C PRO C 13 36.16 -6.92 -19.72
N LEU C 14 36.12 -7.45 -18.51
CA LEU C 14 37.01 -7.02 -17.45
C LEU C 14 38.12 -8.03 -17.27
N PHE C 15 38.52 -8.65 -18.36
CA PHE C 15 39.58 -9.65 -18.35
C PHE C 15 40.12 -9.85 -19.73
N GLU C 16 39.72 -10.97 -20.32
CA GLU C 16 40.13 -11.35 -21.66
C GLU C 16 40.05 -10.21 -22.71
N LYS C 17 39.09 -9.30 -22.60
CA LYS C 17 38.94 -8.21 -23.59
C LYS C 17 39.60 -6.91 -23.18
N LYS C 18 40.02 -6.85 -21.92
CA LYS C 18 40.71 -5.70 -21.38
C LYS C 18 41.98 -6.23 -20.71
N SER C 19 42.43 -7.40 -21.19
CA SER C 19 43.63 -8.06 -20.69
C SER C 19 43.85 -8.17 -19.18
N LEU C 20 43.77 -9.37 -18.65
CA LEU C 20 43.95 -9.60 -17.23
C LEU C 20 43.43 -10.98 -16.84
N GLU C 21 43.77 -11.40 -15.62
CA GLU C 21 43.33 -12.69 -15.10
C GLU C 21 42.48 -12.54 -13.86
N ASP C 22 41.86 -13.64 -13.45
CA ASP C 22 41.09 -13.61 -12.23
C ASP C 22 42.11 -13.94 -11.17
N LYS C 23 41.79 -13.62 -9.92
CA LYS C 23 42.71 -13.87 -8.83
C LYS C 23 43.50 -15.14 -9.03
N THR C 24 42.87 -16.15 -9.63
CA THR C 24 43.58 -17.40 -9.85
C THR C 24 43.22 -17.97 -11.20
N GLU C 25 43.84 -17.39 -12.23
CA GLU C 25 43.59 -17.84 -13.57
C GLU C 25 44.71 -18.82 -13.93
N ARG C 26 45.74 -18.83 -13.09
CA ARG C 26 46.90 -19.72 -13.26
C ARG C 26 46.45 -21.17 -13.14
N GLU C 27 45.72 -21.47 -12.06
CA GLU C 27 45.26 -22.82 -11.76
C GLU C 27 44.91 -23.71 -12.95
N LEU C 28 43.96 -23.29 -13.77
CA LEU C 28 43.54 -24.05 -14.95
C LEU C 28 44.75 -24.33 -15.81
N LEU C 29 45.47 -23.27 -16.17
CA LEU C 29 46.65 -23.46 -16.96
C LEU C 29 47.59 -24.38 -16.17
N GLU C 30 47.98 -23.95 -14.99
CA GLU C 30 48.87 -24.75 -14.17
C GLU C 30 48.34 -26.14 -13.83
N SER C 31 47.10 -26.40 -14.21
CA SER C 31 46.48 -27.70 -13.96
C SER C 31 46.56 -28.53 -15.24
N TYR C 32 47.04 -27.90 -16.31
CA TYR C 32 47.19 -28.59 -17.59
C TYR C 32 48.51 -29.38 -17.54
N ILE C 33 48.39 -30.67 -17.22
CA ILE C 33 49.53 -31.58 -17.10
C ILE C 33 50.30 -31.10 -15.84
N ASP C 34 50.94 -29.94 -15.95
CA ASP C 34 51.73 -29.38 -14.86
C ASP C 34 51.79 -27.86 -15.05
N GLY C 35 52.13 -27.14 -13.97
CA GLY C 35 52.25 -25.68 -14.02
C GLY C 35 52.82 -25.06 -15.29
N ARG C 36 52.68 -23.74 -15.38
CA ARG C 36 53.17 -22.95 -16.49
C ARG C 36 54.58 -22.40 -16.30
N ILE D 1 28.31 -24.47 -3.41
CA ILE D 1 29.77 -24.28 -3.54
C ILE D 1 30.44 -24.32 -2.18
N VAL D 2 31.00 -25.48 -1.82
CA VAL D 2 31.66 -25.63 -0.52
C VAL D 2 33.17 -25.37 -0.60
N GLU D 3 33.75 -24.90 0.52
CA GLU D 3 35.17 -24.56 0.58
C GLU D 3 35.47 -23.74 -0.66
N GLY D 4 35.17 -22.44 -0.64
CA GLY D 4 35.44 -21.62 -1.81
C GLY D 4 35.82 -20.23 -1.38
N SER D 5 35.71 -19.25 -2.26
CA SER D 5 36.04 -17.88 -1.87
C SER D 5 35.11 -16.87 -2.54
N ASP D 6 34.55 -15.96 -1.76
CA ASP D 6 33.62 -14.93 -2.25
C ASP D 6 34.11 -14.41 -3.60
N ALA D 7 33.74 -15.06 -4.70
CA ALA D 7 34.14 -14.68 -6.06
C ALA D 7 34.36 -13.17 -6.39
N GLU D 8 35.11 -12.94 -7.47
CA GLU D 8 35.45 -11.59 -7.95
C GLU D 8 34.30 -11.04 -8.77
N ILE D 9 34.54 -9.91 -9.40
CA ILE D 9 33.53 -9.25 -10.21
C ILE D 9 33.66 -9.45 -11.72
N GLY D 10 32.60 -9.95 -12.35
CA GLY D 10 32.64 -10.16 -13.79
C GLY D 10 33.18 -11.50 -14.23
N MET D 11 33.76 -12.23 -13.28
CA MET D 11 34.33 -13.54 -13.54
C MET D 11 33.36 -14.28 -14.46
N SER D 12 32.09 -14.24 -14.10
CA SER D 12 31.07 -14.91 -14.87
C SER D 12 29.95 -13.99 -15.32
N PRO D 13 30.04 -13.54 -16.57
CA PRO D 13 29.05 -12.67 -17.17
C PRO D 13 27.98 -13.52 -17.82
N TRP D 14 28.04 -14.83 -17.56
CA TRP D 14 27.08 -15.75 -18.11
C TRP D 14 26.24 -16.30 -16.97
N GLN D 15 26.76 -16.13 -15.75
CA GLN D 15 26.09 -16.61 -14.55
C GLN D 15 24.67 -16.06 -14.41
N VAL D 16 23.74 -16.85 -14.95
CA VAL D 16 22.34 -16.53 -14.94
C VAL D 16 21.77 -17.03 -13.62
N MET D 17 20.65 -16.45 -13.23
CA MET D 17 20.00 -16.81 -12.00
C MET D 17 18.53 -17.05 -12.15
N LEU D 18 18.13 -18.29 -11.92
CA LEU D 18 16.75 -18.68 -12.05
C LEU D 18 16.02 -18.40 -10.75
N PHE D 19 14.93 -17.65 -10.82
CA PHE D 19 14.19 -17.32 -9.61
C PHE D 19 12.72 -17.68 -9.76
N ARG D 20 12.11 -18.10 -8.67
CA ARG D 20 10.71 -18.51 -8.64
C ARG D 20 9.88 -17.25 -8.36
N LYS D 21 9.07 -16.84 -9.33
CA LYS D 21 8.24 -15.64 -9.18
C LYS D 21 7.61 -15.66 -7.79
N SER D 22 6.44 -16.28 -7.71
CA SER D 22 5.74 -16.39 -6.43
C SER D 22 5.72 -17.84 -5.95
N PRO D 23 6.36 -18.07 -4.77
CA PRO D 23 7.05 -17.06 -3.96
C PRO D 23 8.44 -16.73 -4.50
N GLN D 24 9.20 -15.92 -3.76
CA GLN D 24 10.56 -15.55 -4.19
C GLN D 24 11.56 -16.59 -3.75
N GLU D 25 11.90 -17.47 -4.69
CA GLU D 25 12.84 -18.53 -4.44
C GLU D 25 13.95 -18.56 -5.47
N LEU D 26 15.19 -18.67 -5.00
CA LEU D 26 16.35 -18.76 -5.88
C LEU D 26 16.48 -20.26 -6.12
N LEU D 27 15.87 -20.74 -7.20
CA LEU D 27 15.91 -22.18 -7.47
C LEU D 27 17.21 -22.75 -8.05
N CYS D 28 17.74 -22.15 -9.10
CA CYS D 28 18.98 -22.66 -9.72
C CYS D 28 19.81 -21.62 -10.47
N GLY D 29 21.11 -21.90 -10.62
CA GLY D 29 21.95 -20.98 -11.36
C GLY D 29 21.64 -21.38 -12.79
N ALA D 30 21.89 -20.52 -13.76
CA ALA D 30 21.62 -20.90 -15.15
C ALA D 30 22.85 -20.68 -15.98
N SER D 31 22.75 -20.98 -17.27
CA SER D 31 23.87 -20.86 -18.19
C SER D 31 23.60 -19.91 -19.36
N LEU D 32 24.18 -18.71 -19.30
CA LEU D 32 24.00 -17.72 -20.36
C LEU D 32 24.90 -17.97 -21.57
N ILE D 33 24.29 -18.16 -22.73
CA ILE D 33 25.08 -18.39 -23.95
C ILE D 33 24.49 -17.68 -25.14
N SER D 34 23.71 -16.64 -24.87
CA SER D 34 23.11 -15.86 -25.91
C SER D 34 22.07 -14.95 -25.30
N ASP D 35 21.81 -13.86 -26.01
CA ASP D 35 20.82 -12.87 -25.60
C ASP D 35 19.41 -13.43 -25.48
N ARG D 36 19.18 -14.63 -26.00
CA ARG D 36 17.84 -15.18 -25.93
C ARG D 36 17.81 -16.66 -25.62
N TRP D 37 18.96 -17.18 -25.18
CA TRP D 37 19.02 -18.58 -24.86
C TRP D 37 19.91 -18.91 -23.67
N VAL D 38 19.46 -19.88 -22.89
CA VAL D 38 20.23 -20.32 -21.74
C VAL D 38 20.15 -21.75 -21.35
N LEU D 39 21.30 -22.26 -20.98
CA LEU D 39 21.40 -23.62 -20.58
C LEU D 39 21.11 -23.73 -19.09
N THR D 40 20.43 -24.80 -18.71
CA THR D 40 20.07 -25.04 -17.31
C THR D 40 19.71 -26.50 -17.00
N ALA D 41 19.87 -26.88 -15.74
CA ALA D 41 19.55 -28.22 -15.29
C ALA D 41 18.07 -28.52 -15.55
N ALA D 42 17.82 -29.58 -16.32
CA ALA D 42 16.45 -30.01 -16.64
C ALA D 42 15.78 -30.31 -15.33
N HIS D 43 16.56 -30.93 -14.47
CA HIS D 43 16.10 -31.30 -13.16
C HIS D 43 15.65 -30.02 -12.50
N CYS D 44 16.43 -28.95 -12.64
CA CYS D 44 16.05 -27.67 -12.04
C CYS D 44 14.67 -27.18 -12.38
N LEU D 45 14.15 -27.69 -13.48
CA LEU D 45 12.84 -27.29 -13.93
C LEU D 45 11.71 -28.18 -13.43
N LEU D 46 11.94 -29.49 -13.48
CA LEU D 46 10.93 -30.42 -13.06
C LEU D 46 11.49 -31.71 -12.50
N TYR D 47 11.26 -31.92 -11.23
CA TYR D 47 11.72 -33.12 -10.57
C TYR D 47 10.51 -33.74 -9.88
N PRO D 48 9.67 -34.41 -10.65
CA PRO D 48 8.48 -35.08 -10.15
C PRO D 48 8.72 -35.66 -8.79
N PRO D 49 9.85 -36.37 -8.61
CA PRO D 49 10.17 -36.95 -7.31
C PRO D 49 9.92 -35.89 -6.25
N TRP D 50 10.62 -34.77 -6.39
CA TRP D 50 10.43 -33.67 -5.48
C TRP D 50 9.28 -32.80 -5.97
N ASP D 51 8.38 -33.45 -6.72
CA ASP D 51 7.18 -32.81 -7.25
C ASP D 51 7.61 -31.45 -7.79
N LYS D 52 7.99 -31.42 -9.06
CA LYS D 52 8.46 -30.18 -9.65
C LYS D 52 8.09 -30.08 -11.10
N ASN D 53 7.21 -29.15 -11.43
CA ASN D 53 6.84 -29.00 -12.81
C ASN D 53 6.65 -27.52 -13.09
N PHE D 54 7.73 -26.77 -12.87
CA PHE D 54 7.77 -25.33 -13.05
C PHE D 54 7.77 -24.93 -14.53
N THR D 55 7.03 -23.89 -14.84
CA THR D 55 6.95 -23.42 -16.21
C THR D 55 7.41 -21.99 -16.40
N GLU D 56 7.43 -21.59 -17.66
CA GLU D 56 7.84 -20.24 -18.02
C GLU D 56 7.20 -19.22 -17.07
N ASN D 57 5.88 -19.17 -17.09
CA ASN D 57 5.13 -18.21 -16.27
C ASN D 57 5.14 -18.51 -14.78
N ASP D 58 6.12 -19.29 -14.36
CA ASP D 58 6.21 -19.60 -12.96
C ASP D 58 7.57 -19.20 -12.46
N LEU D 59 8.58 -19.28 -13.33
CA LEU D 59 9.91 -18.90 -12.93
C LEU D 59 10.53 -17.86 -13.85
N LEU D 60 11.53 -17.16 -13.33
CA LEU D 60 12.20 -16.12 -14.09
C LEU D 60 13.66 -16.07 -13.75
N VAL D 61 14.42 -15.39 -14.59
CA VAL D 61 15.83 -15.37 -14.34
C VAL D 61 16.47 -14.00 -14.24
N ARG D 62 17.29 -13.84 -13.21
CA ARG D 62 17.95 -12.57 -12.99
C ARG D 62 19.38 -12.67 -13.52
N ILE D 63 19.62 -12.01 -14.65
CA ILE D 63 20.94 -12.05 -15.28
C ILE D 63 21.99 -11.22 -14.58
N GLY D 64 23.23 -11.70 -14.62
CA GLY D 64 24.36 -11.00 -14.03
C GLY D 64 24.27 -10.53 -12.60
N LYS D 65 24.23 -11.47 -11.67
CA LYS D 65 24.16 -11.09 -10.27
C LYS D 65 25.41 -11.42 -9.51
N HIS D 66 25.59 -10.77 -8.39
CA HIS D 66 26.77 -11.02 -7.61
C HIS D 66 26.29 -11.46 -6.25
N SER D 67 25.31 -10.73 -5.76
CA SER D 67 24.71 -11.00 -4.49
C SER D 67 23.44 -11.78 -4.75
N ARG D 68 23.29 -12.84 -3.98
CA ARG D 68 22.15 -13.76 -4.01
C ARG D 68 20.93 -12.99 -3.58
N THR D 69 21.17 -12.00 -2.74
CA THR D 69 20.09 -11.21 -2.18
C THR D 69 19.90 -9.82 -2.76
N ARG D 70 20.66 -8.87 -2.21
CA ARG D 70 20.59 -7.47 -2.60
C ARG D 70 20.54 -7.22 -4.09
N TYR D 71 19.54 -6.45 -4.48
CA TYR D 71 19.34 -6.06 -5.85
C TYR D 71 20.64 -5.47 -6.39
N GLU D 72 20.70 -5.31 -7.70
CA GLU D 72 21.88 -4.73 -8.32
C GLU D 72 21.44 -3.76 -9.39
N ARG D 73 20.92 -2.65 -8.89
CA ARG D 73 20.37 -1.52 -9.62
C ARG D 73 21.22 -1.14 -10.85
N ASN D 74 20.52 -0.74 -11.90
CA ASN D 74 21.15 -0.30 -13.14
C ASN D 74 21.86 -1.43 -13.83
N ILE D 75 22.61 -2.20 -13.08
CA ILE D 75 23.37 -3.30 -13.65
C ILE D 75 22.52 -4.56 -13.82
N GLU D 76 21.93 -5.00 -12.73
CA GLU D 76 21.11 -6.19 -12.74
C GLU D 76 19.99 -6.25 -13.75
N LYS D 77 20.02 -7.26 -14.61
CA LYS D 77 18.95 -7.41 -15.58
C LYS D 77 18.23 -8.74 -15.44
N ILE D 78 16.91 -8.65 -15.35
CA ILE D 78 16.01 -9.80 -15.21
C ILE D 78 14.96 -9.74 -16.27
N SER D 79 15.07 -10.59 -17.27
CA SER D 79 14.08 -10.56 -18.31
C SER D 79 13.14 -11.71 -18.11
N MET D 80 11.98 -11.59 -18.72
CA MET D 80 11.00 -12.63 -18.64
C MET D 80 11.49 -13.66 -19.64
N LEU D 81 10.63 -14.60 -19.99
CA LEU D 81 11.01 -15.65 -20.92
C LEU D 81 9.98 -15.87 -22.00
N GLU D 82 10.32 -16.79 -22.89
CA GLU D 82 9.45 -17.14 -23.99
C GLU D 82 8.92 -18.55 -23.72
N LYS D 83 9.68 -19.57 -24.13
CA LYS D 83 9.25 -20.96 -23.90
C LYS D 83 10.42 -21.81 -23.42
N ILE D 84 10.20 -22.63 -22.41
CA ILE D 84 11.27 -23.47 -21.92
C ILE D 84 11.38 -24.58 -22.90
N TYR D 85 12.60 -25.08 -23.04
CA TYR D 85 12.87 -26.15 -23.98
C TYR D 85 13.68 -27.27 -23.34
N ILE D 86 12.95 -28.16 -22.70
CA ILE D 86 13.52 -29.29 -22.02
C ILE D 86 13.82 -30.40 -23.01
N HIS D 87 14.65 -31.35 -22.62
CA HIS D 87 14.97 -32.45 -23.49
C HIS D 87 14.05 -33.65 -23.29
N PRO D 88 13.27 -34.01 -24.31
CA PRO D 88 12.38 -35.16 -24.14
C PRO D 88 13.07 -36.40 -23.53
N ARG D 89 14.31 -36.64 -23.97
CA ARG D 89 15.12 -37.76 -23.50
C ARG D 89 15.61 -37.48 -22.07
N TYR D 90 14.93 -36.60 -21.37
CA TYR D 90 15.31 -36.28 -20.00
C TYR D 90 14.69 -37.30 -19.04
N ASN D 91 15.50 -38.23 -18.52
CA ASN D 91 14.99 -39.26 -17.60
C ASN D 91 15.52 -39.08 -16.20
N TRP D 92 14.65 -38.58 -15.33
CA TRP D 92 15.00 -38.37 -13.95
C TRP D 92 14.73 -39.66 -13.21
N ARG D 93 13.75 -40.41 -13.69
CA ARG D 93 13.39 -41.65 -13.04
C ARG D 93 14.61 -42.35 -12.52
N GLU D 94 15.42 -42.88 -13.42
CA GLU D 94 16.59 -43.62 -13.02
C GLU D 94 17.75 -42.79 -12.46
N ASN D 95 18.28 -41.86 -13.25
CA ASN D 95 19.42 -41.08 -12.80
C ASN D 95 19.67 -39.74 -13.48
N LEU D 96 18.65 -38.91 -13.66
CA LEU D 96 18.91 -37.62 -14.27
C LEU D 96 19.67 -37.73 -15.57
N ASP D 97 19.51 -38.84 -16.27
CA ASP D 97 20.21 -39.03 -17.53
C ASP D 97 19.81 -37.90 -18.48
N ARG D 98 20.78 -37.08 -18.85
CA ARG D 98 20.55 -35.94 -19.73
C ARG D 98 19.84 -34.79 -18.99
N ASP D 99 20.10 -34.71 -17.67
CA ASP D 99 19.54 -33.69 -16.79
C ASP D 99 20.07 -32.38 -17.28
N ILE D 100 19.30 -31.73 -18.14
CA ILE D 100 19.75 -30.48 -18.65
C ILE D 100 18.69 -29.93 -19.53
N ALA D 101 18.65 -28.62 -19.66
CA ALA D 101 17.64 -28.02 -20.49
C ALA D 101 17.95 -26.62 -21.00
N LEU D 102 17.56 -26.38 -22.23
CA LEU D 102 17.78 -25.11 -22.89
C LEU D 102 16.53 -24.25 -22.78
N MET D 103 16.68 -22.93 -22.91
CA MET D 103 15.54 -21.99 -22.81
C MET D 103 15.66 -20.63 -23.52
N LYS D 104 14.52 -20.10 -23.97
CA LYS D 104 14.45 -18.84 -24.70
C LYS D 104 14.00 -17.67 -23.86
N LEU D 105 14.19 -16.45 -24.39
CA LEU D 105 13.80 -15.24 -23.67
C LEU D 105 12.70 -14.43 -24.30
N LYS D 106 11.71 -14.10 -23.49
CA LYS D 106 10.60 -13.30 -23.95
C LYS D 106 11.24 -12.15 -24.71
N LYS D 107 12.26 -11.55 -24.11
CA LYS D 107 12.96 -10.43 -24.71
C LYS D 107 14.45 -10.61 -24.43
N PRO D 108 15.31 -10.32 -25.44
CA PRO D 108 16.77 -10.47 -25.30
C PRO D 108 17.31 -9.73 -24.10
N VAL D 109 18.62 -9.81 -23.90
CA VAL D 109 19.34 -9.11 -22.82
C VAL D 109 20.57 -8.46 -23.41
N ALA D 110 20.79 -7.20 -23.03
CA ALA D 110 21.92 -6.40 -23.52
C ALA D 110 23.26 -6.73 -22.87
N PHE D 111 24.06 -7.55 -23.54
CA PHE D 111 25.36 -7.92 -23.00
C PHE D 111 26.18 -6.66 -22.82
N SER D 112 26.64 -6.45 -21.60
CA SER D 112 27.42 -5.28 -21.27
C SER D 112 28.68 -5.75 -20.59
N ASP D 113 29.34 -4.85 -19.88
CA ASP D 113 30.57 -5.23 -19.18
C ASP D 113 30.25 -6.36 -18.23
N TYR D 114 29.06 -6.34 -17.67
CA TYR D 114 28.67 -7.36 -16.72
C TYR D 114 27.98 -8.55 -17.39
N ILE D 115 27.52 -8.34 -18.60
CA ILE D 115 26.80 -9.36 -19.34
C ILE D 115 27.49 -9.89 -20.58
N HIS D 116 27.71 -11.21 -20.63
CA HIS D 116 28.34 -11.89 -21.78
C HIS D 116 28.12 -13.40 -21.66
N PRO D 117 27.90 -14.07 -22.80
CA PRO D 117 27.65 -15.51 -22.91
C PRO D 117 28.95 -16.26 -23.10
N VAL D 118 29.02 -17.44 -22.51
CA VAL D 118 30.20 -18.26 -22.63
C VAL D 118 30.24 -18.85 -24.03
N CYS D 119 31.41 -19.34 -24.42
CA CYS D 119 31.55 -19.93 -25.72
C CYS D 119 31.15 -21.38 -25.65
N LEU D 120 30.53 -21.84 -26.74
CA LEU D 120 30.11 -23.22 -26.83
C LEU D 120 31.25 -24.11 -27.34
N PRO D 121 31.36 -25.32 -26.77
CA PRO D 121 32.38 -26.31 -27.09
C PRO D 121 32.48 -26.65 -28.56
N ASP D 122 33.72 -26.84 -29.00
CA ASP D 122 34.05 -27.23 -30.36
C ASP D 122 34.57 -28.66 -30.25
N ARG D 123 34.40 -29.46 -31.29
CA ARG D 123 34.84 -30.85 -31.30
C ARG D 123 36.27 -31.04 -30.74
N GLU D 124 37.22 -30.26 -31.23
CA GLU D 124 38.62 -30.34 -30.77
C GLU D 124 38.58 -30.06 -29.29
N THR D 125 38.50 -28.77 -28.98
CA THR D 125 38.44 -28.30 -27.62
C THR D 125 37.70 -29.34 -26.82
N ALA D 126 36.57 -29.81 -27.36
CA ALA D 126 35.75 -30.81 -26.70
C ALA D 126 36.56 -31.88 -25.95
N ALA D 127 36.74 -33.02 -26.59
CA ALA D 127 37.51 -34.10 -25.98
C ALA D 127 38.85 -33.53 -25.50
N SER D 128 39.33 -32.52 -26.24
CA SER D 128 40.60 -31.83 -25.96
C SER D 128 40.93 -31.54 -24.48
N LEU D 129 40.14 -30.66 -23.86
CA LEU D 129 40.42 -30.27 -22.48
C LEU D 129 39.72 -31.04 -21.36
N LEU D 130 39.07 -32.16 -21.71
CA LEU D 130 38.32 -32.99 -20.74
C LEU D 130 39.08 -34.25 -20.25
N GLN D 131 40.18 -34.05 -19.56
CA GLN D 131 41.02 -35.12 -19.05
C GLN D 131 41.04 -35.16 -17.55
N ALA D 132 41.11 -36.36 -16.97
CA ALA D 132 41.15 -36.51 -15.52
C ALA D 132 42.17 -35.52 -14.92
N GLY D 133 42.06 -35.30 -13.61
CA GLY D 133 42.97 -34.38 -12.92
C GLY D 133 42.93 -32.93 -13.36
N TYR D 134 42.25 -32.69 -14.47
CA TYR D 134 42.10 -31.35 -15.05
C TYR D 134 41.28 -30.43 -14.17
N LYS D 135 41.89 -29.38 -13.66
CA LYS D 135 41.15 -28.45 -12.83
C LYS D 135 40.26 -27.57 -13.70
N GLY D 136 39.04 -27.35 -13.21
CA GLY D 136 38.07 -26.53 -13.88
C GLY D 136 37.32 -25.66 -12.87
N ARG D 137 36.74 -24.58 -13.37
CA ARG D 137 36.00 -23.65 -12.55
C ARG D 137 34.54 -23.77 -12.92
N VAL D 138 33.68 -23.49 -11.95
CA VAL D 138 32.23 -23.59 -12.11
C VAL D 138 31.65 -22.69 -11.03
N THR D 139 30.37 -22.36 -11.09
CA THR D 139 29.79 -21.47 -10.07
C THR D 139 28.29 -21.46 -9.98
N GLY D 140 27.81 -21.29 -8.77
CA GLY D 140 26.39 -21.25 -8.58
C GLY D 140 26.22 -20.80 -7.16
N TRP D 141 25.30 -19.89 -6.96
CA TRP D 141 25.05 -19.37 -5.65
C TRP D 141 24.66 -20.48 -4.69
N GLY D 142 24.41 -21.68 -5.23
CA GLY D 142 24.01 -22.80 -4.41
C GLY D 142 24.56 -22.82 -2.99
N ASN D 143 23.82 -23.47 -2.10
CA ASN D 143 24.17 -23.58 -0.67
C ASN D 143 25.59 -24.03 -0.40
N LEU D 144 25.81 -24.69 0.74
CA LEU D 144 27.15 -25.17 1.11
C LEU D 144 27.37 -26.13 2.30
N LYS D 145 26.75 -27.30 2.25
CA LYS D 145 26.88 -28.29 3.31
C LYS D 145 25.72 -29.25 3.22
N GLU D 146 25.16 -29.59 4.38
CA GLU D 146 24.06 -30.52 4.42
C GLU D 146 22.96 -29.90 5.28
N THR D 147 22.45 -28.76 4.84
CA THR D 147 21.43 -28.00 5.57
C THR D 147 20.40 -28.67 6.48
N TRP D 148 19.52 -29.49 5.93
CA TRP D 148 18.44 -30.09 6.72
C TRP D 148 18.80 -30.97 7.92
N THR D 149 20.08 -31.11 8.23
CA THR D 149 20.51 -31.90 9.38
C THR D 149 21.53 -31.09 10.19
N ALA D 150 21.97 -31.66 11.31
CA ALA D 150 22.93 -30.99 12.17
C ALA D 150 24.06 -30.39 11.30
N ASN D 151 24.18 -29.06 11.41
CA ASN D 151 25.16 -28.21 10.71
C ASN D 151 25.21 -26.76 11.31
N VAL D 152 26.41 -26.30 11.69
CA VAL D 152 26.62 -24.96 12.27
C VAL D 152 27.19 -24.07 11.16
N GLY D 153 28.10 -23.16 11.52
CA GLY D 153 28.70 -22.27 10.54
C GLY D 153 27.66 -21.39 9.89
N LYS D 154 27.57 -21.40 8.55
CA LYS D 154 26.55 -20.59 7.86
C LYS D 154 25.77 -21.36 6.79
N GLY D 155 24.60 -20.82 6.44
CA GLY D 155 23.71 -21.42 5.47
C GLY D 155 23.94 -21.20 3.99
N GLN D 156 23.55 -20.04 3.49
CA GLN D 156 23.75 -19.78 2.08
C GLN D 156 24.68 -18.62 1.97
N PRO D 157 25.27 -18.42 0.79
CA PRO D 157 26.22 -17.35 0.49
C PRO D 157 25.57 -15.99 0.28
N SER D 158 26.38 -14.98 -0.02
CA SER D 158 25.87 -13.64 -0.23
C SER D 158 26.26 -13.12 -1.59
N VAL D 159 27.46 -13.51 -1.98
CA VAL D 159 28.01 -13.14 -3.26
C VAL D 159 28.37 -14.43 -3.95
N LEU D 160 28.17 -14.48 -5.26
CA LEU D 160 28.49 -15.66 -6.03
C LEU D 160 29.75 -16.32 -5.49
N GLN D 161 29.80 -17.65 -5.50
CA GLN D 161 30.96 -18.38 -4.99
C GLN D 161 31.69 -19.18 -6.05
N VAL D 162 33.03 -19.17 -5.98
CA VAL D 162 33.86 -19.89 -6.95
C VAL D 162 34.46 -21.21 -6.53
N VAL D 163 34.53 -22.09 -7.54
CA VAL D 163 35.04 -23.45 -7.42
C VAL D 163 35.96 -23.81 -8.59
N ASN D 164 37.18 -24.19 -8.25
CA ASN D 164 38.15 -24.56 -9.24
C ASN D 164 38.53 -25.99 -8.90
N LEU D 165 37.87 -26.96 -9.49
CA LEU D 165 38.24 -28.32 -9.14
C LEU D 165 38.58 -29.22 -10.34
N PRO D 166 39.52 -30.15 -10.14
CA PRO D 166 40.03 -31.11 -11.11
C PRO D 166 38.99 -32.09 -11.59
N ILE D 167 39.30 -32.76 -12.69
CA ILE D 167 38.42 -33.76 -13.28
C ILE D 167 38.77 -35.10 -12.68
N VAL D 168 37.83 -36.04 -12.71
CA VAL D 168 38.07 -37.38 -12.16
C VAL D 168 37.72 -38.51 -13.16
N GLU D 169 38.65 -39.47 -13.32
CA GLU D 169 38.52 -40.64 -14.21
C GLU D 169 37.24 -41.45 -13.94
N ARG D 170 36.47 -41.78 -14.98
CA ARG D 170 35.20 -42.52 -14.79
C ARG D 170 35.13 -43.58 -13.69
N PRO D 171 36.08 -44.53 -13.67
CA PRO D 171 36.04 -45.56 -12.64
C PRO D 171 35.93 -44.99 -11.22
N VAL D 172 36.71 -43.98 -10.93
CA VAL D 172 36.62 -43.40 -9.62
C VAL D 172 35.18 -42.92 -9.38
N CYS D 173 34.64 -42.14 -10.32
CA CYS D 173 33.26 -41.61 -10.23
C CYS D 173 32.28 -42.77 -10.08
N LYS D 174 32.56 -43.83 -10.82
CA LYS D 174 31.74 -45.03 -10.83
C LYS D 174 31.66 -45.73 -9.47
N ASP D 175 32.81 -46.08 -8.89
CA ASP D 175 32.84 -46.78 -7.59
C ASP D 175 32.41 -45.88 -6.44
N SER D 176 32.45 -44.57 -6.66
CA SER D 176 32.05 -43.68 -5.58
C SER D 176 30.56 -43.41 -5.56
N THR D 177 29.77 -44.15 -6.35
CA THR D 177 28.32 -43.91 -6.41
C THR D 177 27.42 -45.14 -6.57
N ARG D 178 26.18 -45.02 -6.10
CA ARG D 178 25.16 -46.08 -6.20
C ARG D 178 24.20 -45.74 -7.33
N ILE D 179 24.60 -44.80 -8.17
CA ILE D 179 23.77 -44.39 -9.29
C ILE D 179 24.45 -44.63 -10.64
N ARG D 180 23.69 -45.25 -11.52
CA ARG D 180 24.12 -45.56 -12.87
C ARG D 180 25.06 -44.48 -13.42
N ILE D 181 26.24 -44.87 -13.88
CA ILE D 181 27.18 -43.90 -14.45
C ILE D 181 26.91 -43.72 -15.96
N THR D 182 27.17 -42.52 -16.52
CA THR D 182 26.92 -42.27 -17.95
C THR D 182 28.21 -41.83 -18.67
N ASP D 183 28.16 -41.70 -19.99
CA ASP D 183 29.31 -41.26 -20.80
C ASP D 183 29.20 -39.74 -20.94
N ASN D 184 28.00 -39.24 -20.64
CA ASN D 184 27.73 -37.80 -20.67
C ASN D 184 27.96 -37.28 -19.25
N MET D 185 27.54 -38.07 -18.26
CA MET D 185 27.70 -37.72 -16.84
C MET D 185 29.20 -37.67 -16.52
N PHE D 186 29.53 -37.02 -15.41
CA PHE D 186 30.92 -36.92 -14.98
C PHE D 186 31.02 -36.13 -13.68
N CYS D 187 31.77 -36.67 -12.73
CA CYS D 187 31.93 -36.00 -11.46
C CYS D 187 33.20 -35.17 -11.55
N ALA D 188 33.86 -35.00 -10.41
CA ALA D 188 35.09 -34.23 -10.30
C ALA D 188 35.08 -33.59 -8.93
N GLY D 189 36.20 -33.66 -8.25
CA GLY D 189 36.29 -33.09 -6.93
C GLY D 189 37.74 -32.93 -6.52
N TYR D 190 38.09 -33.55 -5.38
CA TYR D 190 39.44 -33.46 -4.84
C TYR D 190 39.76 -34.67 -3.92
N LYS D 191 40.28 -35.77 -4.48
CA LYS D 191 40.58 -36.99 -3.71
C LYS D 191 40.90 -36.84 -2.21
N PRO D 192 40.67 -37.91 -1.43
CA PRO D 192 40.88 -37.97 0.01
C PRO D 192 42.35 -37.81 0.39
N ASP D 193 43.20 -37.55 -0.59
CA ASP D 193 44.61 -37.44 -0.30
C ASP D 193 45.31 -36.31 -1.03
N GLU D 194 44.65 -35.14 -1.05
CA GLU D 194 45.21 -33.97 -1.72
C GLU D 194 45.15 -32.66 -0.95
N GLY D 195 44.10 -32.46 -0.15
CA GLY D 195 44.07 -31.23 0.60
C GLY D 195 42.86 -30.33 0.49
N LYS D 196 42.57 -29.84 -0.72
CA LYS D 196 41.42 -28.95 -0.96
C LYS D 196 40.06 -29.67 -1.06
N ARG D 197 39.28 -29.64 0.01
CA ARG D 197 37.95 -30.25 -0.02
C ARG D 197 37.07 -29.36 -0.93
N GLY D 198 35.84 -29.03 -0.53
CA GLY D 198 35.03 -28.20 -1.42
C GLY D 198 34.48 -28.95 -2.62
N ASP D 199 33.34 -28.48 -3.11
CA ASP D 199 32.61 -29.04 -4.28
C ASP D 199 31.22 -28.36 -4.29
N ALA D 200 30.49 -28.51 -5.40
CA ALA D 200 29.16 -27.94 -5.56
C ALA D 200 28.20 -28.51 -4.50
N CYS D 201 27.04 -27.91 -4.28
CA CYS D 201 26.12 -28.46 -3.29
C CYS D 201 24.67 -28.21 -3.67
N GLU D 202 23.81 -28.22 -2.69
CA GLU D 202 22.41 -28.03 -2.97
C GLU D 202 22.14 -26.75 -3.74
N GLY D 203 21.35 -26.89 -4.79
CA GLY D 203 20.95 -25.77 -5.62
C GLY D 203 22.00 -25.10 -6.50
N ASP D 204 23.26 -25.45 -6.33
CA ASP D 204 24.28 -24.83 -7.15
C ASP D 204 24.04 -25.22 -8.62
N SER D 205 23.17 -26.22 -8.80
CA SER D 205 22.80 -26.75 -10.11
C SER D 205 22.51 -25.68 -11.16
N GLY D 206 22.39 -26.13 -12.41
CA GLY D 206 22.10 -25.23 -13.51
C GLY D 206 23.29 -24.34 -13.79
N GLY D 207 24.29 -24.39 -12.91
CA GLY D 207 25.48 -23.57 -13.11
C GLY D 207 26.35 -24.00 -14.30
N PRO D 208 27.55 -23.40 -14.47
CA PRO D 208 28.43 -23.75 -15.56
C PRO D 208 29.78 -24.20 -15.05
N PHE D 209 30.09 -25.38 -15.52
CA PHE D 209 31.30 -26.02 -15.26
C PHE D 209 32.13 -25.40 -16.34
N VAL D 210 32.67 -24.24 -16.00
CA VAL D 210 33.48 -23.46 -16.92
C VAL D 210 34.88 -23.99 -17.07
N MET D 211 35.43 -23.62 -18.21
CA MET D 211 36.77 -24.00 -18.60
C MET D 211 37.29 -23.12 -19.71
N LYS D 212 38.36 -22.40 -19.40
CA LYS D 212 38.97 -21.51 -20.35
C LYS D 212 39.88 -22.22 -21.34
N SER D 213 39.63 -22.03 -22.63
CA SER D 213 40.43 -22.63 -23.72
C SER D 213 41.81 -22.03 -23.82
N PRO D 214 42.84 -22.87 -23.85
CA PRO D 214 44.22 -22.40 -23.95
C PRO D 214 44.44 -21.79 -25.31
N PHE D 215 44.12 -22.56 -26.34
CA PHE D 215 44.32 -22.13 -27.70
C PHE D 215 43.94 -20.69 -27.98
N ASN D 216 42.97 -20.15 -27.27
CA ASN D 216 42.57 -18.78 -27.55
C ASN D 216 42.12 -18.11 -26.29
N ASN D 217 42.43 -18.72 -25.15
CA ASN D 217 42.04 -18.18 -23.86
C ASN D 217 40.54 -17.88 -23.80
N ARG D 218 39.75 -18.58 -24.60
CA ARG D 218 38.32 -18.37 -24.59
C ARG D 218 37.76 -19.30 -23.53
N TRP D 219 36.71 -18.84 -22.84
CA TRP D 219 36.10 -19.64 -21.79
C TRP D 219 35.03 -20.61 -22.26
N TYR D 220 34.96 -21.73 -21.54
CA TYR D 220 33.99 -22.76 -21.87
C TYR D 220 33.38 -23.53 -20.71
N GLN D 221 32.06 -23.47 -20.61
CA GLN D 221 31.34 -24.23 -19.61
C GLN D 221 31.23 -25.58 -20.27
N MET D 222 31.90 -26.58 -19.74
CA MET D 222 31.79 -27.85 -20.40
C MET D 222 31.06 -28.87 -19.55
N GLY D 223 30.24 -28.36 -18.62
CA GLY D 223 29.47 -29.24 -17.75
C GLY D 223 28.37 -28.52 -16.99
N ILE D 224 27.35 -29.26 -16.59
CA ILE D 224 26.24 -28.70 -15.86
C ILE D 224 26.01 -29.41 -14.56
N VAL D 225 26.30 -28.72 -13.47
CA VAL D 225 26.14 -29.30 -12.17
C VAL D 225 24.83 -30.03 -12.09
N SER D 226 24.91 -31.32 -12.31
CA SER D 226 23.74 -32.14 -12.27
C SER D 226 23.37 -32.52 -10.86
N TRP D 227 24.22 -33.31 -10.23
CA TRP D 227 23.93 -33.76 -8.90
C TRP D 227 25.14 -34.02 -8.07
N GLY D 228 24.85 -34.61 -6.91
CA GLY D 228 25.90 -34.94 -5.98
C GLY D 228 25.31 -35.66 -4.79
N GLU D 229 25.90 -36.79 -4.47
CA GLU D 229 25.49 -37.61 -3.35
C GLU D 229 25.90 -36.92 -2.04
N GLY D 230 25.21 -35.83 -1.69
CA GLY D 230 25.56 -35.09 -0.49
C GLY D 230 26.34 -33.85 -0.93
N CYS D 231 27.13 -33.26 -0.03
CA CYS D 231 27.90 -32.07 -0.40
C CYS D 231 29.35 -32.16 0.05
N ASP D 232 30.24 -32.45 -0.90
CA ASP D 232 31.71 -32.59 -0.66
C ASP D 232 32.17 -33.53 0.47
N ARG D 233 32.12 -34.83 0.17
CA ARG D 233 32.52 -35.88 1.08
C ARG D 233 33.72 -36.57 0.48
N ASP D 234 34.81 -36.67 1.23
CA ASP D 234 36.00 -37.29 0.67
C ASP D 234 35.67 -38.65 0.03
N GLY D 235 35.98 -38.77 -1.27
CA GLY D 235 35.73 -39.98 -2.02
C GLY D 235 34.46 -39.86 -2.85
N LYS D 236 33.71 -38.81 -2.56
CA LYS D 236 32.44 -38.55 -3.23
C LYS D 236 32.55 -37.27 -4.06
N TYR D 237 32.08 -37.34 -5.31
CA TYR D 237 32.17 -36.23 -6.26
C TYR D 237 30.87 -35.76 -6.95
N GLY D 238 30.78 -34.45 -7.18
CA GLY D 238 29.62 -33.87 -7.83
C GLY D 238 29.68 -34.28 -9.28
N PHE D 239 28.54 -34.40 -9.93
CA PHE D 239 28.50 -34.81 -11.32
C PHE D 239 27.93 -33.71 -12.15
N TYR D 240 28.39 -33.59 -13.38
CA TYR D 240 27.87 -32.54 -14.21
C TYR D 240 27.50 -33.03 -15.56
N THR D 241 26.46 -32.42 -16.11
CA THR D 241 25.95 -32.74 -17.42
C THR D 241 27.10 -32.63 -18.42
N HIS D 242 26.90 -33.23 -19.60
CA HIS D 242 27.90 -33.21 -20.67
C HIS D 242 27.45 -32.42 -21.88
N VAL D 243 27.69 -31.13 -21.85
CA VAL D 243 27.32 -30.26 -22.94
C VAL D 243 27.67 -30.86 -24.31
N PHE D 244 28.90 -30.67 -24.77
CA PHE D 244 29.34 -31.19 -26.08
C PHE D 244 28.57 -32.39 -26.58
N ARG D 245 28.65 -33.51 -25.86
CA ARG D 245 27.94 -34.69 -26.31
C ARG D 245 26.48 -34.27 -26.48
N LEU D 246 25.86 -33.90 -25.38
CA LEU D 246 24.47 -33.46 -25.38
C LEU D 246 24.31 -32.29 -26.36
N LYS D 247 25.39 -31.55 -26.56
CA LYS D 247 25.37 -30.39 -27.42
C LYS D 247 24.45 -30.47 -28.62
N LYS D 248 24.45 -31.60 -29.32
CA LYS D 248 23.59 -31.77 -30.49
C LYS D 248 22.16 -31.23 -30.30
N TRP D 249 21.36 -31.95 -29.52
CA TRP D 249 19.98 -31.54 -29.23
C TRP D 249 19.90 -30.02 -29.20
N ILE D 250 20.49 -29.43 -28.16
CA ILE D 250 20.49 -28.00 -27.98
C ILE D 250 20.43 -27.14 -29.22
N GLN D 251 21.40 -27.31 -30.11
CA GLN D 251 21.42 -26.51 -31.31
C GLN D 251 20.19 -26.81 -32.12
N LYS D 252 19.94 -28.09 -32.37
CA LYS D 252 18.77 -28.40 -33.14
C LYS D 252 17.59 -27.58 -32.65
N VAL D 253 17.50 -27.35 -31.35
CA VAL D 253 16.38 -26.57 -30.84
C VAL D 253 16.51 -25.11 -31.27
N ILE D 254 17.73 -24.58 -31.15
CA ILE D 254 18.05 -23.20 -31.50
C ILE D 254 17.85 -22.99 -33.01
N ASP D 255 18.29 -23.98 -33.78
CA ASP D 255 18.19 -23.99 -35.24
C ASP D 255 16.74 -23.86 -35.73
N GLN D 256 15.76 -24.07 -34.84
CA GLN D 256 14.36 -23.96 -35.24
C GLN D 256 13.64 -22.75 -34.66
N PHE D 257 14.09 -22.23 -33.53
CA PHE D 257 13.37 -21.08 -33.00
C PHE D 257 14.06 -19.75 -32.93
N GLY D 258 15.03 -19.66 -32.02
CA GLY D 258 15.79 -18.44 -31.79
C GLY D 258 16.24 -17.61 -32.96
N SER E 10 -8.93 -6.70 8.90
CA SER E 10 -7.48 -7.02 9.00
C SER E 10 -7.10 -8.19 8.10
N ALA E 11 -5.81 -8.32 7.82
CA ALA E 11 -5.27 -9.38 6.96
C ALA E 11 -3.76 -9.13 6.83
N CYS E 12 -2.95 -10.13 6.50
CA CYS E 12 -1.53 -9.84 6.40
C CYS E 12 -0.52 -10.29 5.34
N LYS E 13 0.26 -11.34 5.66
CA LYS E 13 1.35 -11.85 4.78
C LYS E 13 1.60 -11.18 3.41
N ASP E 14 1.91 -9.87 3.44
CA ASP E 14 2.21 -9.10 2.23
C ASP E 14 1.41 -9.62 1.05
N SER E 15 0.13 -9.90 1.33
CA SER E 15 -0.83 -10.42 0.36
C SER E 15 -0.43 -11.75 -0.30
N ASP E 16 -0.58 -11.81 -1.62
CA ASP E 16 -0.29 -12.98 -2.44
C ASP E 16 0.28 -12.54 -3.80
N TRP E 17 1.22 -11.60 -3.80
CA TRP E 17 1.75 -11.14 -5.09
C TRP E 17 3.01 -11.86 -5.58
N PRO E 18 3.26 -11.82 -6.92
CA PRO E 18 4.39 -12.41 -7.64
C PRO E 18 5.48 -11.37 -7.86
N PHE E 19 6.68 -11.77 -8.28
CA PHE E 19 7.77 -10.79 -8.48
C PHE E 19 7.47 -9.82 -9.62
N CYS E 20 8.36 -8.85 -9.78
CA CYS E 20 8.22 -7.87 -10.82
C CYS E 20 9.21 -8.17 -11.92
N SER E 21 8.79 -7.97 -13.17
CA SER E 21 9.64 -8.16 -14.36
C SER E 21 10.21 -6.81 -14.72
N ASP E 22 11.31 -6.82 -15.46
CA ASP E 22 11.96 -5.58 -15.88
C ASP E 22 10.95 -4.72 -16.63
N GLU E 23 10.10 -5.40 -17.40
CA GLU E 23 9.05 -4.68 -18.13
C GLU E 23 8.23 -3.87 -17.13
N ASP E 24 7.69 -4.56 -16.12
CA ASP E 24 6.83 -3.96 -15.12
C ASP E 24 7.18 -2.51 -14.78
N TRP E 25 8.45 -2.22 -14.57
CA TRP E 25 8.85 -0.85 -14.26
C TRP E 25 8.09 0.11 -15.16
N ASN E 26 7.60 1.20 -14.62
CA ASN E 26 6.89 2.15 -15.46
C ASN E 26 5.49 1.78 -15.80
N TYR E 27 5.07 0.59 -15.40
CA TYR E 27 3.71 0.16 -15.67
C TYR E 27 3.23 -0.44 -14.34
N LYS E 28 3.96 -0.10 -13.29
CA LYS E 28 3.65 -0.52 -11.93
C LYS E 28 4.70 0.17 -11.06
N CYS E 29 4.24 1.17 -10.31
CA CYS E 29 5.13 1.90 -9.46
C CYS E 29 4.83 1.76 -8.00
N PRO E 30 5.82 2.10 -7.17
CA PRO E 30 5.83 2.06 -5.72
C PRO E 30 4.56 2.63 -5.15
N SER E 31 4.49 2.62 -3.83
CA SER E 31 3.34 3.12 -3.09
C SER E 31 3.63 4.53 -2.65
N GLY E 32 2.93 5.50 -3.23
CA GLY E 32 3.13 6.89 -2.85
C GLY E 32 3.64 6.98 -1.43
N CYS E 33 2.83 6.56 -0.46
CA CYS E 33 3.20 6.58 0.95
C CYS E 33 4.67 6.24 1.15
N ARG E 34 5.01 5.02 0.78
CA ARG E 34 6.37 4.51 0.92
C ARG E 34 7.41 5.47 0.38
N MET E 35 7.32 5.80 -0.90
CA MET E 35 8.29 6.69 -1.53
C MET E 35 8.64 7.84 -0.59
N LYS E 36 7.66 8.65 -0.24
CA LYS E 36 7.91 9.74 0.66
C LYS E 36 8.84 9.21 1.75
N GLY E 37 8.33 8.30 2.58
CA GLY E 37 9.12 7.74 3.67
C GLY E 37 10.61 7.62 3.38
N LEU E 38 10.94 7.20 2.16
CA LEU E 38 12.33 7.04 1.74
C LEU E 38 12.80 8.44 1.51
N ILE E 39 12.03 9.14 0.71
CA ILE E 39 12.32 10.50 0.38
C ILE E 39 12.69 11.23 1.66
N ASP E 40 11.92 11.02 2.71
CA ASP E 40 12.22 11.67 3.97
C ASP E 40 13.53 11.15 4.52
N GLU E 41 13.54 9.86 4.81
CA GLU E 41 14.69 9.18 5.38
C GLU E 41 16.04 9.56 4.79
N VAL E 42 16.12 9.54 3.48
CA VAL E 42 17.34 9.89 2.76
C VAL E 42 17.87 11.25 3.27
N ASN E 43 17.04 12.29 3.10
CA ASN E 43 17.35 13.65 3.50
C ASN E 43 17.92 13.75 4.90
N GLN E 44 17.19 13.20 5.88
CA GLN E 44 17.58 13.22 7.29
C GLN E 44 19.03 12.79 7.50
N ASP E 45 19.35 11.58 7.06
CA ASP E 45 20.70 11.07 7.19
C ASP E 45 21.59 12.13 6.54
N PHE E 46 21.13 12.65 5.42
CA PHE E 46 21.88 13.68 4.71
C PHE E 46 22.04 14.97 5.53
N THR E 47 21.09 15.26 6.41
CA THR E 47 21.20 16.45 7.24
C THR E 47 22.01 16.19 8.50
N ASN E 48 21.53 15.30 9.36
CA ASN E 48 22.25 15.00 10.59
C ASN E 48 23.73 14.86 10.24
N ARG E 49 24.00 14.12 9.17
CA ARG E 49 25.35 13.90 8.69
C ARG E 49 25.94 15.23 8.22
N ILE E 50 25.05 16.15 7.86
CA ILE E 50 25.53 17.45 7.46
C ILE E 50 25.87 18.16 8.72
N ASN E 51 24.94 18.10 9.67
CA ASN E 51 25.10 18.69 10.99
C ASN E 51 26.47 18.23 11.47
N LYS E 52 26.70 16.93 11.27
CA LYS E 52 27.94 16.26 11.66
C LYS E 52 29.14 17.00 11.12
N LEU E 53 29.21 17.18 9.81
CA LEU E 53 30.35 17.85 9.22
C LEU E 53 30.49 19.27 9.67
N LYS E 54 29.41 20.02 9.53
CA LYS E 54 29.46 21.41 9.96
C LYS E 54 29.96 21.48 11.40
N ASN E 55 29.37 20.66 12.26
CA ASN E 55 29.76 20.67 13.66
C ASN E 55 31.13 20.10 14.01
N SER E 56 31.43 18.88 13.54
CA SER E 56 32.72 18.29 13.87
C SER E 56 33.83 19.14 13.30
N LEU E 57 33.45 20.10 12.46
CA LEU E 57 34.45 20.98 11.85
C LEU E 57 33.99 22.45 11.72
N LYS F 40 17.63 -2.20 16.32
CA LYS F 40 18.45 -1.26 15.45
C LYS F 40 19.43 -1.99 14.49
N VAL F 41 19.32 -3.32 14.36
CA VAL F 41 20.30 -4.07 13.55
C VAL F 41 19.89 -4.77 12.22
N GLU F 42 18.65 -4.63 11.77
CA GLU F 42 18.28 -5.26 10.49
C GLU F 42 17.86 -4.15 9.49
N ARG F 43 16.55 -3.90 9.35
CA ARG F 43 16.04 -2.82 8.49
C ARG F 43 14.57 -2.97 8.10
N LYS F 44 13.81 -1.91 8.39
CA LYS F 44 12.38 -1.84 8.11
C LYS F 44 12.14 -0.70 7.13
N ALA F 45 11.19 -0.88 6.24
CA ALA F 45 10.89 0.15 5.26
C ALA F 45 10.10 1.29 5.87
N PRO F 46 10.24 2.50 5.28
CA PRO F 46 9.53 3.69 5.74
C PRO F 46 8.35 4.01 4.81
N ASP F 47 7.14 4.08 5.36
CA ASP F 47 5.99 4.40 4.55
C ASP F 47 5.42 5.69 5.15
N ALA F 48 5.84 6.85 4.64
CA ALA F 48 5.35 8.11 5.20
C ALA F 48 4.04 8.65 4.61
N GLY F 49 3.71 9.90 4.97
CA GLY F 49 2.49 10.58 4.54
C GLY F 49 1.27 9.77 4.11
N GLY F 50 0.71 8.95 4.99
CA GLY F 50 -0.45 8.17 4.59
C GLY F 50 -1.61 8.40 5.53
N CYS F 51 -2.82 8.46 4.98
CA CYS F 51 -4.00 8.69 5.79
C CYS F 51 -5.03 7.72 5.26
N LEU F 52 -5.87 7.19 6.13
CA LEU F 52 -6.90 6.24 5.71
C LEU F 52 -8.15 7.02 5.30
N HIS F 53 -8.59 6.76 4.07
CA HIS F 53 -9.73 7.45 3.55
C HIS F 53 -11.04 7.08 4.21
N ALA F 54 -11.82 8.13 4.52
CA ALA F 54 -13.11 7.97 5.16
C ALA F 54 -13.81 6.70 4.66
N ASP F 55 -13.70 6.41 3.36
CA ASP F 55 -14.31 5.21 2.81
C ASP F 55 -13.35 4.01 3.03
N PRO F 56 -13.87 2.96 3.68
CA PRO F 56 -13.08 1.76 3.97
C PRO F 56 -12.51 1.14 2.73
N ASP F 57 -13.39 0.81 1.81
CA ASP F 57 -12.96 0.21 0.56
C ASP F 57 -11.80 0.95 -0.09
N LEU F 58 -11.73 2.26 0.10
CA LEU F 58 -10.64 3.05 -0.46
C LEU F 58 -9.49 3.03 0.48
N GLY F 59 -9.81 2.88 1.74
CA GLY F 59 -8.78 2.83 2.76
C GLY F 59 -7.67 3.86 2.69
N VAL F 60 -6.44 3.42 2.95
CA VAL F 60 -5.27 4.30 2.98
C VAL F 60 -4.95 5.06 1.68
N LEU F 61 -4.64 6.34 1.83
CA LEU F 61 -4.32 7.20 0.70
C LEU F 61 -2.87 7.62 0.71
N CYS F 62 -2.18 7.36 -0.40
CA CYS F 62 -0.77 7.72 -0.53
C CYS F 62 -0.57 9.00 -1.35
N PRO F 63 0.49 9.75 -1.06
CA PRO F 63 0.83 11.01 -1.72
C PRO F 63 0.77 10.94 -3.23
N THR F 64 0.65 12.10 -3.86
CA THR F 64 0.56 12.16 -5.30
C THR F 64 1.92 12.20 -5.95
N GLY F 65 1.96 11.84 -7.22
CA GLY F 65 3.22 11.89 -7.91
C GLY F 65 3.67 13.31 -7.70
N CYS F 66 2.87 14.24 -8.17
CA CYS F 66 3.21 15.64 -8.03
C CYS F 66 3.63 15.87 -6.62
N GLN F 67 2.76 15.48 -5.70
CA GLN F 67 2.97 15.68 -4.29
C GLN F 67 4.37 15.34 -3.86
N LEU F 68 4.87 14.25 -4.40
CA LEU F 68 6.19 13.75 -4.08
C LEU F 68 7.27 14.45 -4.89
N GLN F 69 7.05 14.49 -6.20
CA GLN F 69 7.97 15.13 -7.13
C GLN F 69 8.33 16.47 -6.53
N GLU F 70 7.28 17.19 -6.14
CA GLU F 70 7.41 18.49 -5.53
C GLU F 70 8.38 18.46 -4.36
N ALA F 71 8.13 17.57 -3.41
CA ALA F 71 9.00 17.46 -2.23
C ALA F 71 10.45 17.25 -2.58
N LEU F 72 10.70 16.38 -3.56
CA LEU F 72 12.08 16.08 -3.94
C LEU F 72 12.84 17.32 -4.28
N LEU F 73 12.33 18.08 -5.25
CA LEU F 73 13.02 19.29 -5.66
C LEU F 73 13.11 20.27 -4.51
N GLN F 74 12.23 20.10 -3.53
CA GLN F 74 12.22 20.96 -2.36
C GLN F 74 13.52 20.73 -1.63
N GLN F 75 13.99 19.49 -1.64
CA GLN F 75 15.25 19.18 -0.97
C GLN F 75 16.41 19.47 -1.88
N GLU F 76 16.24 19.27 -3.19
CA GLU F 76 17.33 19.51 -4.15
C GLU F 76 18.00 20.91 -4.00
N ARG F 77 17.21 21.98 -4.11
CA ARG F 77 17.72 23.35 -3.98
C ARG F 77 18.58 23.51 -2.73
N PRO F 78 18.01 23.27 -1.54
CA PRO F 78 18.85 23.43 -0.35
C PRO F 78 19.98 22.41 -0.39
N ILE F 79 19.68 21.21 -0.85
CA ILE F 79 20.69 20.16 -0.94
C ILE F 79 21.93 20.65 -1.68
N ARG F 80 21.90 20.68 -3.02
CA ARG F 80 23.05 21.12 -3.82
C ARG F 80 23.75 22.35 -3.24
N ASN F 81 22.96 23.27 -2.71
CA ASN F 81 23.51 24.47 -2.09
C ASN F 81 24.55 24.00 -1.09
N SER F 82 24.10 23.52 0.06
CA SER F 82 25.05 23.04 1.07
C SER F 82 26.14 22.11 0.50
N VAL F 83 25.88 21.42 -0.61
CA VAL F 83 26.87 20.51 -1.21
C VAL F 83 27.98 21.35 -1.76
N ASP F 84 27.63 22.22 -2.70
CA ASP F 84 28.59 23.09 -3.32
C ASP F 84 29.14 24.03 -2.28
N GLU F 85 28.39 24.14 -1.17
CA GLU F 85 28.78 25.01 -0.06
C GLU F 85 30.04 24.40 0.57
N LEU F 86 30.16 23.08 0.48
CA LEU F 86 31.30 22.37 1.02
C LEU F 86 32.47 22.76 0.08
N ASN F 87 32.77 21.91 -0.90
CA ASN F 87 33.80 22.15 -1.89
C ASN F 87 34.51 23.51 -1.79
N ASN F 88 33.73 24.58 -1.84
CA ASN F 88 34.30 25.92 -1.75
C ASN F 88 35.32 26.00 -0.65
N ASN F 89 34.84 25.72 0.57
CA ASN F 89 35.65 25.71 1.78
C ASN F 89 36.71 24.61 1.67
N VAL F 90 36.43 23.63 0.82
CA VAL F 90 37.33 22.51 0.57
C VAL F 90 38.41 22.96 -0.43
N GLU F 91 38.12 24.04 -1.16
CA GLU F 91 39.08 24.52 -2.11
C GLU F 91 39.06 26.03 -2.20
N ASP G 6 -6.71 20.14 -6.03
CA ASP G 6 -6.07 21.19 -6.88
C ASP G 6 -5.67 20.67 -8.27
N ASN G 7 -5.84 21.52 -9.28
CA ASN G 7 -5.54 21.20 -10.70
C ASN G 7 -4.84 22.36 -11.48
N CYS G 8 -3.80 22.05 -12.26
CA CYS G 8 -3.07 23.06 -13.06
C CYS G 8 -2.38 22.35 -14.21
N CYS G 9 -2.16 21.07 -14.01
CA CYS G 9 -1.51 20.21 -14.98
C CYS G 9 -2.57 19.45 -15.77
N ILE G 10 -3.83 19.86 -15.63
CA ILE G 10 -4.93 19.20 -16.34
C ILE G 10 -4.54 18.88 -17.79
N LEU G 11 -4.94 17.71 -18.29
CA LEU G 11 -4.60 17.33 -19.67
C LEU G 11 -5.72 16.52 -20.35
N ASP G 12 -6.86 16.44 -19.68
CA ASP G 12 -8.06 15.73 -20.15
C ASP G 12 -9.09 15.86 -19.02
N GLU G 13 -9.82 16.98 -18.99
CA GLU G 13 -10.82 17.23 -17.95
C GLU G 13 -11.51 16.00 -17.40
N ARG G 14 -11.79 15.01 -18.25
CA ARG G 14 -12.47 13.85 -17.72
C ARG G 14 -11.62 13.28 -16.62
N PHE G 15 -10.31 13.30 -16.81
CA PHE G 15 -9.38 12.77 -15.85
C PHE G 15 -8.62 13.81 -15.02
N GLY G 16 -8.97 15.08 -15.23
CA GLY G 16 -8.34 16.16 -14.49
C GLY G 16 -6.83 16.24 -14.60
N SER G 17 -6.22 17.01 -13.70
CA SER G 17 -4.78 17.24 -13.65
C SER G 17 -3.95 15.98 -13.65
N TYR G 18 -2.75 16.07 -14.24
CA TYR G 18 -1.82 14.94 -14.38
C TYR G 18 -0.54 15.10 -13.50
N CYS G 19 -0.08 14.01 -12.89
CA CYS G 19 1.13 14.03 -12.05
C CYS G 19 2.13 13.02 -12.63
N PRO G 20 3.31 12.94 -12.02
CA PRO G 20 4.41 12.05 -12.41
C PRO G 20 4.02 10.63 -12.00
N THR G 21 5.00 9.74 -11.86
CA THR G 21 4.72 8.36 -11.48
C THR G 21 5.64 7.96 -10.37
N THR G 22 5.13 7.14 -9.46
CA THR G 22 5.94 6.67 -8.37
C THR G 22 7.25 6.19 -9.00
N CYS G 23 7.16 5.64 -10.21
CA CYS G 23 8.34 5.16 -10.89
C CYS G 23 9.27 6.32 -11.18
N GLY G 24 8.80 7.25 -11.99
CA GLY G 24 9.63 8.39 -12.32
C GLY G 24 10.28 9.02 -11.10
N ILE G 25 9.63 8.89 -9.95
CA ILE G 25 10.15 9.46 -8.73
C ILE G 25 11.37 8.73 -8.19
N ALA G 26 11.18 7.45 -7.87
CA ALA G 26 12.23 6.59 -7.32
C ALA G 26 13.54 6.76 -8.02
N ASP G 27 13.46 6.62 -9.34
CA ASP G 27 14.63 6.79 -10.20
C ASP G 27 15.27 8.15 -9.96
N PHE G 28 14.45 9.18 -9.95
CA PHE G 28 14.95 10.48 -9.70
C PHE G 28 15.65 10.39 -8.33
N LEU G 29 15.16 9.54 -7.42
CA LEU G 29 15.82 9.48 -6.13
C LEU G 29 17.08 8.72 -6.32
N SER G 30 16.89 7.52 -6.83
CA SER G 30 17.99 6.64 -7.20
C SER G 30 19.12 7.42 -7.86
N THR G 31 18.76 8.38 -8.69
CA THR G 31 19.83 9.16 -9.27
C THR G 31 20.19 10.17 -8.20
N TYR G 32 19.17 10.91 -7.76
CA TYR G 32 19.35 11.94 -6.74
C TYR G 32 20.32 11.45 -5.69
N GLN G 33 19.77 10.70 -4.74
CA GLN G 33 20.50 10.17 -3.60
C GLN G 33 21.93 9.71 -3.80
N THR G 34 22.15 8.81 -4.74
CA THR G 34 23.50 8.31 -4.99
C THR G 34 24.55 9.39 -5.26
N LYS G 35 24.31 10.24 -6.27
CA LYS G 35 25.26 11.32 -6.60
C LYS G 35 25.56 12.11 -5.33
N VAL G 36 24.54 12.28 -4.51
CA VAL G 36 24.68 13.00 -3.27
C VAL G 36 25.79 12.35 -2.48
N ASP G 37 25.49 11.17 -1.96
CA ASP G 37 26.47 10.45 -1.18
C ASP G 37 27.87 10.54 -1.77
N LYS G 38 27.96 10.47 -3.10
CA LYS G 38 29.24 10.54 -3.80
C LYS G 38 30.13 11.62 -3.22
N ASP G 39 29.68 12.85 -3.44
CA ASP G 39 30.36 14.04 -2.99
C ASP G 39 30.58 13.93 -1.51
N LEU G 40 29.56 13.46 -0.82
CA LEU G 40 29.63 13.31 0.61
C LEU G 40 30.78 12.40 1.02
N GLN G 41 30.61 11.09 0.83
CA GLN G 41 31.64 10.13 1.19
C GLN G 41 32.96 10.65 0.69
N SER G 42 32.95 11.20 -0.52
CA SER G 42 34.15 11.73 -1.12
C SER G 42 34.77 12.82 -0.27
N LEU G 43 33.92 13.61 0.39
CA LEU G 43 34.42 14.66 1.25
C LEU G 43 34.71 14.10 2.63
N GLU G 44 33.85 13.20 3.08
CA GLU G 44 34.01 12.55 4.38
C GLU G 44 35.41 12.10 4.67
N ASP G 45 36.11 11.74 3.59
CA ASP G 45 37.49 11.26 3.62
C ASP G 45 38.45 12.37 4.07
N SER H 10 7.36 -8.83 7.96
CA SER H 10 5.88 -8.87 8.17
C SER H 10 5.47 -7.86 9.24
N ALA H 11 4.20 -7.50 9.23
CA ALA H 11 3.67 -6.54 10.19
C ALA H 11 2.20 -6.36 9.83
N CYS H 12 1.36 -5.86 10.74
CA CYS H 12 -0.03 -5.75 10.32
C CYS H 12 -1.05 -4.63 10.55
N LYS H 13 -1.85 -4.74 11.60
CA LYS H 13 -2.96 -3.79 11.88
C LYS H 13 -3.15 -2.51 11.05
N ASP H 14 -3.25 -2.67 9.73
CA ASP H 14 -3.47 -1.53 8.86
C ASP H 14 -2.68 -0.38 9.44
N SER H 15 -1.43 -0.76 9.74
CA SER H 15 -0.41 0.10 10.31
C SER H 15 -0.85 1.10 11.39
N ASP H 16 -0.60 2.38 11.13
CA ASP H 16 -0.89 3.44 12.11
C ASP H 16 -1.31 4.79 11.52
N TRP H 17 -2.26 4.78 10.59
CA TRP H 17 -2.67 6.04 9.98
C TRP H 17 -3.97 6.69 10.47
N PRO H 18 -4.06 8.02 10.34
CA PRO H 18 -5.22 8.81 10.73
C PRO H 18 -6.32 8.79 9.65
N PHE H 19 -7.47 9.41 9.89
CA PHE H 19 -8.58 9.48 8.92
C PHE H 19 -8.19 10.62 7.93
N CYS H 20 -8.56 10.54 6.67
CA CYS H 20 -8.16 11.63 5.78
C CYS H 20 -9.21 12.73 5.83
N SER H 21 -8.82 14.00 5.67
CA SER H 21 -9.81 15.08 5.68
C SER H 21 -10.09 15.36 4.22
N ASP H 22 -11.28 15.87 3.93
CA ASP H 22 -11.62 16.09 2.53
C ASP H 22 -10.52 16.90 1.83
N GLU H 23 -9.91 17.80 2.59
CA GLU H 23 -8.81 18.59 2.07
C GLU H 23 -7.74 17.68 1.48
N ASP H 24 -7.58 16.51 2.12
CA ASP H 24 -6.59 15.52 1.68
C ASP H 24 -6.79 15.10 0.22
N TRP H 25 -7.98 14.60 -0.14
CA TRP H 25 -8.19 14.15 -1.50
C TRP H 25 -7.48 15.03 -2.51
N ASN H 26 -6.86 14.37 -3.49
CA ASN H 26 -6.09 14.99 -4.55
C ASN H 26 -4.78 15.51 -3.99
N TYR H 27 -4.28 14.81 -2.97
CA TYR H 27 -3.03 15.14 -2.30
C TYR H 27 -2.62 13.81 -1.64
N LYS H 28 -3.61 12.93 -1.50
CA LYS H 28 -3.47 11.60 -0.90
C LYS H 28 -4.48 10.73 -1.66
N CYS H 29 -4.02 10.02 -2.68
CA CYS H 29 -4.91 9.19 -3.48
C CYS H 29 -4.74 7.70 -3.25
N PRO H 30 -5.63 6.91 -3.88
CA PRO H 30 -5.74 5.45 -3.86
C PRO H 30 -4.44 4.71 -3.99
N SER H 31 -4.50 3.42 -3.77
CA SER H 31 -3.32 2.60 -3.86
C SER H 31 -3.50 1.81 -5.13
N GLY H 32 -2.98 2.35 -6.24
CA GLY H 32 -3.07 1.69 -7.53
C GLY H 32 -3.69 0.31 -7.61
N CYS H 33 -2.96 -0.71 -7.14
CA CYS H 33 -3.43 -2.10 -7.16
C CYS H 33 -4.89 -2.16 -6.80
N ARG H 34 -5.19 -1.63 -5.62
CA ARG H 34 -6.54 -1.59 -5.12
C ARG H 34 -7.51 -1.08 -6.19
N MET H 35 -7.24 0.08 -6.74
CA MET H 35 -8.10 0.62 -7.78
C MET H 35 -8.54 -0.43 -8.76
N LYS H 36 -7.62 -0.79 -9.62
CA LYS H 36 -7.92 -1.78 -10.65
C LYS H 36 -8.93 -2.81 -10.11
N GLY H 37 -8.64 -3.46 -8.97
CA GLY H 37 -9.58 -4.44 -8.45
C GLY H 37 -11.00 -3.93 -8.38
N LEU H 38 -11.17 -2.69 -7.92
CA LEU H 38 -12.48 -2.08 -7.79
C LEU H 38 -13.11 -1.92 -9.15
N ILE H 39 -12.27 -1.58 -10.13
CA ILE H 39 -12.73 -1.42 -11.49
C ILE H 39 -13.16 -2.77 -12.01
N ASP H 40 -12.25 -3.73 -11.92
CA ASP H 40 -12.53 -5.09 -12.38
C ASP H 40 -13.82 -5.61 -11.74
N GLU H 41 -13.99 -5.34 -10.44
CA GLU H 41 -15.17 -5.77 -9.69
C GLU H 41 -16.39 -5.24 -10.42
N VAL H 42 -16.47 -3.92 -10.44
CA VAL H 42 -17.57 -3.24 -11.09
C VAL H 42 -17.99 -3.89 -12.40
N ASN H 43 -17.21 -3.61 -13.43
CA ASN H 43 -17.43 -4.09 -14.80
C ASN H 43 -18.02 -5.50 -14.91
N GLN H 44 -17.44 -6.45 -14.18
CA GLN H 44 -17.89 -7.86 -14.17
C GLN H 44 -19.38 -7.97 -13.87
N ASP H 45 -19.77 -7.45 -12.70
CA ASP H 45 -21.17 -7.49 -12.31
C ASP H 45 -21.94 -6.97 -13.52
N PHE H 46 -21.50 -5.85 -14.05
CA PHE H 46 -22.16 -5.30 -15.20
C PHE H 46 -22.23 -6.29 -16.32
N THR H 47 -21.12 -6.94 -16.60
CA THR H 47 -21.11 -7.92 -17.67
C THR H 47 -22.17 -8.96 -17.38
N ASN H 48 -21.88 -9.83 -16.42
CA ASN H 48 -22.82 -10.91 -16.09
C ASN H 48 -24.24 -10.39 -16.14
N ARG H 49 -24.46 -9.27 -15.46
CA ARG H 49 -25.77 -8.69 -15.43
C ARG H 49 -26.13 -8.31 -16.83
N ILE H 50 -25.13 -7.96 -17.63
CA ILE H 50 -25.47 -7.61 -19.00
C ILE H 50 -25.90 -8.86 -19.71
N ASN H 51 -25.14 -9.92 -19.54
CA ASN H 51 -25.47 -11.17 -20.17
C ASN H 51 -26.77 -11.65 -19.55
N LYS H 52 -26.92 -11.40 -18.25
CA LYS H 52 -28.13 -11.81 -17.54
C LYS H 52 -29.37 -11.25 -18.21
N LEU H 53 -29.22 -10.09 -18.83
CA LEU H 53 -30.33 -9.48 -19.54
C LEU H 53 -30.30 -9.90 -21.00
N LYS H 54 -29.12 -9.93 -21.59
CA LYS H 54 -29.01 -10.36 -22.97
C LYS H 54 -29.60 -11.77 -23.09
N ASN H 55 -29.44 -12.55 -22.01
CA ASN H 55 -29.95 -13.92 -21.98
C ASN H 55 -31.44 -14.02 -21.70
N SER H 56 -31.94 -13.35 -20.67
CA SER H 56 -33.36 -13.46 -20.36
C SER H 56 -34.21 -13.29 -21.62
N LEU H 57 -33.68 -12.57 -22.60
CA LEU H 57 -34.38 -12.35 -23.86
C LEU H 57 -33.81 -13.25 -24.95
N LYS I 40 -18.85 -15.63 2.83
CA LYS I 40 -19.08 -14.55 1.82
C LYS I 40 -20.24 -13.62 2.25
N VAL I 41 -20.34 -13.37 3.56
CA VAL I 41 -21.40 -12.54 4.12
C VAL I 41 -21.13 -11.03 4.22
N GLU I 42 -19.87 -10.62 4.33
CA GLU I 42 -19.58 -9.19 4.45
C GLU I 42 -19.05 -8.52 3.16
N ARG I 43 -17.73 -8.28 3.10
CA ARG I 43 -17.08 -7.67 1.92
C ARG I 43 -15.57 -7.39 2.07
N LYS I 44 -14.81 -8.05 1.19
CA LYS I 44 -13.34 -7.94 1.14
C LYS I 44 -12.94 -7.17 -0.13
N ALA I 45 -12.31 -6.02 0.05
CA ALA I 45 -11.92 -5.23 -1.11
C ALA I 45 -11.01 -5.97 -2.07
N PRO I 46 -11.00 -5.55 -3.34
CA PRO I 46 -10.19 -6.07 -4.45
C PRO I 46 -8.84 -5.39 -4.61
N ASP I 47 -7.84 -6.21 -4.86
CA ASP I 47 -6.49 -5.75 -5.04
C ASP I 47 -6.02 -6.48 -6.29
N ALA I 48 -6.07 -5.81 -7.43
CA ALA I 48 -5.66 -6.47 -8.67
C ALA I 48 -4.29 -6.05 -9.21
N GLY I 49 -3.91 -6.67 -10.34
CA GLY I 49 -2.64 -6.43 -11.03
C GLY I 49 -1.46 -5.71 -10.38
N GLY I 50 -0.60 -6.44 -9.70
CA GLY I 50 0.55 -5.81 -9.06
C GLY I 50 1.67 -6.81 -8.88
N CYS I 51 2.85 -6.35 -8.49
CA CYS I 51 3.98 -7.24 -8.28
C CYS I 51 4.95 -6.62 -7.29
N LEU I 52 5.77 -7.47 -6.69
CA LEU I 52 6.75 -7.02 -5.74
C LEU I 52 8.05 -6.59 -6.42
N HIS I 53 8.51 -5.40 -6.05
CA HIS I 53 9.72 -4.88 -6.62
C HIS I 53 10.96 -5.59 -6.14
N ALA I 54 11.86 -5.86 -7.08
CA ALA I 54 13.10 -6.52 -6.74
C ALA I 54 13.67 -5.89 -5.45
N ASP I 55 13.65 -4.55 -5.31
CA ASP I 55 14.18 -3.96 -4.08
C ASP I 55 13.09 -3.89 -3.02
N PRO I 56 13.41 -4.36 -1.81
CA PRO I 56 12.49 -4.39 -0.68
C PRO I 56 11.92 -3.02 -0.52
N ASP I 57 12.83 -2.07 -0.37
CA ASP I 57 12.42 -0.70 -0.16
C ASP I 57 11.38 -0.15 -1.10
N LEU I 58 11.16 -0.82 -2.22
CA LEU I 58 10.15 -0.41 -3.19
C LEU I 58 9.00 -1.36 -3.09
N GLY I 59 9.35 -2.64 -3.00
CA GLY I 59 8.34 -3.67 -2.89
C GLY I 59 7.24 -3.55 -3.92
N VAL I 60 6.01 -3.80 -3.48
CA VAL I 60 4.85 -3.76 -4.35
C VAL I 60 4.70 -2.57 -5.27
N LEU I 61 4.45 -2.87 -6.54
CA LEU I 61 4.29 -1.84 -7.54
C LEU I 61 2.90 -1.94 -8.17
N CYS I 62 2.14 -0.85 -8.19
CA CYS I 62 0.81 -0.91 -8.79
C CYS I 62 0.64 -0.22 -10.16
N PRO I 63 -0.48 -0.50 -10.84
CA PRO I 63 -0.84 0.04 -12.15
C PRO I 63 -0.72 1.53 -12.21
N THR I 64 -0.05 2.01 -13.23
CA THR I 64 0.07 3.44 -13.33
C THR I 64 -1.32 3.93 -13.63
N GLY I 65 -1.49 5.24 -13.53
CA GLY I 65 -2.78 5.83 -13.82
C GLY I 65 -3.09 5.54 -15.26
N CYS I 66 -2.05 5.66 -16.07
CA CYS I 66 -2.13 5.41 -17.49
C CYS I 66 -2.63 3.98 -17.74
N GLN I 67 -1.92 3.02 -17.15
CA GLN I 67 -2.29 1.62 -17.29
C GLN I 67 -3.77 1.52 -17.04
N LEU I 68 -4.15 2.05 -15.90
CA LEU I 68 -5.54 2.04 -15.45
C LEU I 68 -6.45 2.68 -16.48
N GLN I 69 -6.26 3.96 -16.66
CA GLN I 69 -7.05 4.72 -17.58
C GLN I 69 -7.31 3.90 -18.81
N GLU I 70 -6.26 3.64 -19.57
CA GLU I 70 -6.40 2.87 -20.78
C GLU I 70 -7.18 1.57 -20.51
N ALA I 71 -6.89 0.96 -19.37
CA ALA I 71 -7.53 -0.28 -18.95
C ALA I 71 -9.03 -0.07 -18.88
N LEU I 72 -9.40 1.13 -18.49
CA LEU I 72 -10.80 1.43 -18.39
C LEU I 72 -11.48 1.36 -19.71
N LEU I 73 -11.15 2.30 -20.57
CA LEU I 73 -11.74 2.41 -21.88
C LEU I 73 -11.67 1.17 -22.73
N GLN I 74 -10.81 0.25 -22.31
CA GLN I 74 -10.70 -0.98 -23.05
C GLN I 74 -11.93 -1.83 -22.74
N GLN I 75 -12.60 -1.48 -21.65
CA GLN I 75 -13.82 -2.17 -21.21
C GLN I 75 -15.05 -1.31 -21.57
N GLU I 76 -14.84 -0.02 -21.75
CA GLU I 76 -15.94 0.85 -22.12
C GLU I 76 -16.58 0.34 -23.41
N ARG I 77 -15.96 0.69 -24.53
CA ARG I 77 -16.45 0.30 -25.85
C ARG I 77 -17.23 -1.00 -25.84
N PRO I 78 -16.61 -2.11 -25.41
CA PRO I 78 -17.35 -3.38 -25.40
C PRO I 78 -18.66 -3.24 -24.64
N ILE I 79 -18.57 -2.60 -23.49
CA ILE I 79 -19.75 -2.37 -22.68
C ILE I 79 -20.78 -1.63 -23.50
N ARG I 80 -20.50 -0.36 -23.81
CA ARG I 80 -21.40 0.49 -24.59
C ARG I 80 -22.24 -0.33 -25.58
N ASN I 81 -21.58 -1.23 -26.30
CA ASN I 81 -22.27 -2.08 -27.28
C ASN I 81 -23.20 -3.01 -26.63
N SER I 82 -22.61 -3.80 -25.76
CA SER I 82 -23.38 -4.77 -25.02
C SER I 82 -24.66 -4.08 -24.51
N VAL I 83 -24.55 -2.81 -24.08
CA VAL I 83 -25.69 -2.03 -23.58
C VAL I 83 -26.68 -1.53 -24.63
N ASP I 84 -26.17 -0.79 -25.61
CA ASP I 84 -27.03 -0.29 -26.64
C ASP I 84 -27.58 -1.46 -27.46
N GLU I 85 -26.93 -2.61 -27.32
CA GLU I 85 -27.35 -3.81 -28.04
C GLU I 85 -28.55 -4.49 -27.39
N LEU I 86 -29.02 -3.89 -26.31
CA LEU I 86 -30.18 -4.37 -25.55
C LEU I 86 -31.37 -3.69 -26.20
N ASN I 87 -31.49 -2.40 -25.88
CA ASN I 87 -32.54 -1.51 -26.37
C ASN I 87 -33.02 -1.88 -27.75
N ASN I 88 -32.08 -1.94 -28.69
CA ASN I 88 -32.39 -2.27 -30.07
C ASN I 88 -33.30 -3.53 -30.13
N ASN I 89 -32.96 -4.57 -29.36
CA ASN I 89 -33.73 -5.80 -29.33
C ASN I 89 -34.96 -5.64 -28.44
N VAL I 90 -34.92 -4.61 -27.61
CA VAL I 90 -36.02 -4.32 -26.71
C VAL I 90 -37.14 -3.49 -27.38
N GLU I 91 -36.80 -2.83 -28.48
CA GLU I 91 -37.76 -2.02 -29.21
C GLU I 91 -37.78 -2.45 -30.68
N VAL J 2 -0.77 15.42 -24.39
CA VAL J 2 -0.57 15.59 -22.93
C VAL J 2 -0.27 17.06 -22.62
N ALA J 3 0.99 17.37 -22.33
CA ALA J 3 1.43 18.73 -21.97
C ALA J 3 2.70 19.21 -22.68
N THR J 4 3.20 20.38 -22.25
CA THR J 4 4.43 21.01 -22.77
C THR J 4 4.83 22.17 -21.88
N ARG J 5 3.82 22.92 -21.42
CA ARG J 5 4.01 24.09 -20.57
C ARG J 5 2.70 24.87 -20.33
N ASP J 6 2.13 25.44 -21.40
CA ASP J 6 0.90 26.25 -21.31
C ASP J 6 -0.31 25.47 -20.76
N ASN J 7 -0.16 24.15 -20.67
CA ASN J 7 -1.20 23.27 -20.16
C ASN J 7 -1.09 23.15 -18.63
N CYS J 8 0.16 23.04 -18.16
CA CYS J 8 0.44 22.94 -16.73
C CYS J 8 1.21 24.14 -16.16
N CYS J 9 1.41 24.11 -14.85
CA CYS J 9 2.07 25.21 -14.16
C CYS J 9 3.25 24.71 -13.36
N ILE J 10 3.54 23.42 -13.49
CA ILE J 10 4.62 22.80 -12.73
C ILE J 10 5.55 21.96 -13.60
N LEU J 11 4.99 21.03 -14.36
CA LEU J 11 5.78 20.16 -15.21
C LEU J 11 7.30 20.13 -15.02
N ASP J 12 7.85 18.92 -14.93
CA ASP J 12 9.28 18.74 -14.80
C ASP J 12 9.64 17.40 -15.47
N GLU J 13 10.33 17.54 -16.59
CA GLU J 13 10.78 16.44 -17.41
C GLU J 13 11.70 15.48 -16.65
N ARG J 14 12.46 16.05 -15.72
CA ARG J 14 13.37 15.27 -14.88
C ARG J 14 12.68 14.10 -14.19
N PHE J 15 11.36 14.19 -14.06
CA PHE J 15 10.58 13.14 -13.40
C PHE J 15 9.83 12.27 -14.41
N GLY J 16 10.24 12.38 -15.67
CA GLY J 16 9.64 11.59 -16.73
C GLY J 16 8.19 11.90 -17.06
N SER J 17 7.65 11.10 -17.97
CA SER J 17 6.27 11.23 -18.44
C SER J 17 5.24 11.29 -17.32
N TYR J 18 4.13 11.97 -17.61
CA TYR J 18 3.04 12.17 -16.66
C TYR J 18 1.80 11.29 -16.90
N CYS J 19 1.03 11.08 -15.85
CA CYS J 19 -0.20 10.28 -15.87
C CYS J 19 -1.13 10.83 -14.79
N PRO J 20 -2.39 10.42 -14.83
CA PRO J 20 -3.43 10.84 -13.90
C PRO J 20 -3.02 10.57 -12.45
N THR J 21 -4.02 10.54 -11.57
CA THR J 21 -3.85 10.27 -10.15
C THR J 21 -4.99 9.36 -9.80
N THR J 22 -4.76 8.31 -9.02
CA THR J 22 -5.87 7.43 -8.71
C THR J 22 -7.08 8.19 -8.22
N CYS J 23 -6.86 9.34 -7.61
CA CYS J 23 -7.94 10.19 -7.15
C CYS J 23 -8.73 10.44 -8.40
N GLY J 24 -8.03 11.01 -9.37
CA GLY J 24 -8.66 11.31 -10.63
C GLY J 24 -9.44 10.13 -11.16
N ILE J 25 -8.88 8.94 -11.04
CA ILE J 25 -9.54 7.76 -11.55
C ILE J 25 -10.72 7.37 -10.72
N ALA J 26 -10.50 7.27 -9.43
CA ALA J 26 -11.57 6.90 -8.53
C ALA J 26 -12.79 7.66 -9.00
N ASP J 27 -12.63 8.98 -9.10
CA ASP J 27 -13.75 9.83 -9.49
C ASP J 27 -14.32 9.35 -10.82
N PHE J 28 -13.46 8.98 -11.74
CA PHE J 28 -13.96 8.55 -13.04
C PHE J 28 -14.69 7.19 -12.93
N LEU J 29 -14.29 6.37 -11.96
CA LEU J 29 -14.91 5.07 -11.78
C LEU J 29 -16.28 5.25 -11.26
N SER J 30 -16.32 5.65 -10.01
CA SER J 30 -17.61 5.85 -9.37
C SER J 30 -18.59 6.57 -10.29
N THR J 31 -18.19 7.71 -10.83
CA THR J 31 -19.10 8.39 -11.74
C THR J 31 -19.41 7.40 -12.83
N TYR J 32 -18.49 7.26 -13.76
CA TYR J 32 -18.66 6.37 -14.86
C TYR J 32 -19.55 5.21 -14.45
N GLN J 33 -19.14 4.52 -13.40
CA GLN J 33 -19.85 3.38 -12.87
C GLN J 33 -21.34 3.49 -12.64
N THR J 34 -21.78 4.54 -11.97
CA THR J 34 -23.21 4.73 -11.70
C THR J 34 -24.00 4.87 -12.99
N LYS J 35 -23.52 5.75 -13.87
CA LYS J 35 -24.13 6.01 -15.18
C LYS J 35 -24.54 4.69 -15.77
N VAL J 36 -23.64 3.75 -15.64
CA VAL J 36 -23.88 2.43 -16.17
C VAL J 36 -25.15 1.89 -15.57
N ASP J 37 -25.04 1.52 -14.30
CA ASP J 37 -26.16 0.97 -13.58
C ASP J 37 -27.46 1.67 -13.92
N LYS J 38 -27.45 3.01 -13.81
CA LYS J 38 -28.63 3.81 -14.11
C LYS J 38 -29.36 3.18 -15.28
N ASP J 39 -28.65 3.09 -16.40
CA ASP J 39 -29.17 2.51 -17.61
C ASP J 39 -29.53 1.04 -17.36
N LEU J 40 -28.65 0.35 -16.66
CA LEU J 40 -28.86 -1.03 -16.31
C LEU J 40 -30.19 -1.03 -15.61
N GLN J 41 -30.10 -0.77 -14.32
CA GLN J 41 -31.25 -0.68 -13.44
C GLN J 41 -32.58 -0.54 -14.20
N SER J 42 -32.66 0.53 -14.99
CA SER J 42 -33.84 0.86 -15.78
C SER J 42 -34.21 -0.24 -16.72
N LEU J 43 -33.28 -0.51 -17.61
CA LEU J 43 -33.47 -1.53 -18.58
C LEU J 43 -33.97 -2.78 -17.84
N GLU J 44 -33.32 -3.13 -16.73
CA GLU J 44 -33.71 -4.31 -15.95
C GLU J 44 -35.22 -4.49 -15.78
N ASP J 45 -35.91 -3.37 -15.68
CA ASP J 45 -37.34 -3.40 -15.49
C ASP J 45 -38.09 -3.72 -16.78
#